data_5CSZ
#
_entry.id   5CSZ
#
_cell.length_a   71.137
_cell.length_b   66.242
_cell.length_c   105.156
_cell.angle_alpha   90.00
_cell.angle_beta   99.09
_cell.angle_gamma   90.00
#
_symmetry.space_group_name_H-M   'P 1 21 1'
#
loop_
_entity.id
_entity.type
_entity.pdbx_description
1 polymer 'GANTENERUMAB FAB FRAGMENT HEAVY CHAIN'
2 polymer 'GANTENERUMAB FAB FRAGMENT LIGHT CHAIN'
3 polymer 'Amyloid beta A4 protein'
4 non-polymer 2-acetamido-2-deoxy-beta-D-glucopyranose
5 non-polymer 'SULFATE ION'
6 water water
#
loop_
_entity_poly.entity_id
_entity_poly.type
_entity_poly.pdbx_seq_one_letter_code
_entity_poly.pdbx_strand_id
1 'polypeptide(L)'
;QVELVESGGGLVQPGGSLRLSCAASGFTFSSYAMSWVRQAPGKGLEWVSAINASGTRTYYADSVKGRFTISRDNSKNTLY
LQMNSLRAEDTAVYYCARGKGNTHKPYGYVRYFDVWGQGTLVTVSSASTKGPSVFPLAPSSKSTSGGTAALGCLVKDYFP
EPVTVSWNSGALTSGVHTFPAVLQSSGLYSLSSVVTVPSSSLGTQTYICNVNHKPSNTKVDKKVEPKS
;
H,A
2 'polypeptide(L)'
;DIVLTQSPATLSLSPGERATLSCRASQSVSSSYLAWYQQKPGQAPRLLIYGASSRATGVPARFSGSGSGTDFTLTISSLE
PEDFATYYCLQIYNMPITFGQGTKVEIKRTVAAPSVFIFPPSDEQLKSGTASVVCLLNNFYPREAKVQWKVDNALQSGNS
QESVTEQDSKDSTYSLSSTLTLSKADYEKHKVYACEVTHQGLSSPVTKSFNRGEC
;
L,B
3 'polypeptide(L)' DAEFRHDSGYE D,E
#
# COMPACT_ATOMS: atom_id res chain seq x y z
N VAL A 2 -3.81 33.43 -2.92
CA VAL A 2 -2.70 32.47 -3.17
C VAL A 2 -2.68 31.41 -2.07
N GLU A 3 -3.07 30.18 -2.40
CA GLU A 3 -3.15 29.10 -1.42
C GLU A 3 -2.72 27.74 -1.96
N LEU A 4 -2.22 26.90 -1.06
CA LEU A 4 -1.90 25.50 -1.36
C LEU A 4 -2.57 24.64 -0.31
N VAL A 5 -3.35 23.66 -0.73
CA VAL A 5 -4.09 22.80 0.17
C VAL A 5 -3.75 21.34 -0.08
N GLU A 6 -3.14 20.71 0.92
CA GLU A 6 -2.75 19.32 0.80
C GLU A 6 -3.78 18.37 1.32
N SER A 7 -3.77 17.15 0.80
CA SER A 7 -4.62 16.07 1.31
C SER A 7 -3.96 14.75 0.99
N GLY A 8 -4.55 13.67 1.50
CA GLY A 8 -4.09 12.33 1.18
C GLY A 8 -3.29 11.68 2.30
N GLY A 9 -2.97 12.45 3.32
CA GLY A 9 -2.25 11.86 4.45
C GLY A 9 -3.08 10.82 5.21
N GLY A 10 -2.40 9.99 5.98
CA GLY A 10 -3.05 9.00 6.82
C GLY A 10 -2.04 7.97 7.28
N LEU A 11 -2.55 6.84 7.75
CA LEU A 11 -1.74 5.75 8.25
C LEU A 11 -1.57 4.71 7.16
N VAL A 12 -0.34 4.24 6.99
CA VAL A 12 -0.04 3.14 6.06
C VAL A 12 0.95 2.19 6.72
N GLN A 13 0.94 0.92 6.34
CA GLN A 13 1.91 -0.05 6.85
C GLN A 13 3.23 0.09 6.08
N PRO A 14 4.37 -0.32 6.70
CA PRO A 14 5.68 -0.32 6.02
C PRO A 14 5.64 -1.16 4.76
N GLY A 15 6.33 -0.71 3.72
CA GLY A 15 6.24 -1.30 2.38
C GLY A 15 5.06 -0.76 1.59
N GLY A 16 4.19 0.01 2.25
CA GLY A 16 2.97 0.53 1.61
C GLY A 16 3.11 1.71 0.70
N SER A 17 1.99 2.14 0.14
CA SER A 17 1.93 3.24 -0.81
C SER A 17 0.89 4.27 -0.40
N LEU A 18 1.15 5.52 -0.74
CA LEU A 18 0.24 6.61 -0.46
C LEU A 18 0.50 7.74 -1.44
N ARG A 19 -0.57 8.38 -1.88
CA ARG A 19 -0.43 9.51 -2.75
C ARG A 19 -0.94 10.77 -2.05
N LEU A 20 -0.09 11.78 -1.98
CA LEU A 20 -0.49 13.09 -1.47
C LEU A 20 -0.84 14.00 -2.63
N SER A 21 -1.78 14.91 -2.42
CA SER A 21 -2.14 15.95 -3.39
C SER A 21 -2.00 17.31 -2.76
N CYS A 22 -1.75 18.29 -3.61
CA CYS A 22 -1.67 19.66 -3.19
C CYS A 22 -2.44 20.46 -4.25
N ALA A 23 -3.56 21.04 -3.83
CA ALA A 23 -4.40 21.84 -4.71
C ALA A 23 -4.03 23.31 -4.60
N ALA A 24 -3.66 23.89 -5.73
CA ALA A 24 -3.23 25.27 -5.81
C ALA A 24 -4.37 26.19 -6.28
N SER A 25 -4.52 27.33 -5.62
CA SER A 25 -5.46 28.35 -6.08
C SER A 25 -4.92 29.77 -5.90
N GLY A 26 -5.43 30.69 -6.73
CA GLY A 26 -5.11 32.10 -6.57
C GLY A 26 -3.89 32.57 -7.33
N PHE A 27 -3.33 31.69 -8.15
CA PHE A 27 -2.18 32.02 -8.98
C PHE A 27 -2.08 31.10 -10.19
N THR A 28 -1.29 31.49 -11.18
CA THR A 28 -1.10 30.61 -12.34
C THR A 28 -0.19 29.43 -11.98
N PHE A 29 -0.81 28.30 -11.64
CA PHE A 29 -0.08 27.13 -11.15
C PHE A 29 1.04 26.70 -12.09
N SER A 30 0.75 26.69 -13.39
CA SER A 30 1.69 26.19 -14.41
C SER A 30 2.96 27.04 -14.56
N SER A 31 2.99 28.22 -13.95
CA SER A 31 4.13 29.12 -14.04
C SER A 31 5.22 28.82 -13.02
N TYR A 32 4.89 28.01 -12.01
CA TYR A 32 5.76 27.82 -10.84
C TYR A 32 6.30 26.43 -10.63
N ALA A 33 7.61 26.35 -10.41
CA ALA A 33 8.24 25.13 -9.91
C ALA A 33 7.72 24.88 -8.49
N MET A 34 7.70 23.62 -8.07
CA MET A 34 7.09 23.23 -6.79
C MET A 34 7.96 22.24 -6.06
N SER A 35 7.70 22.07 -4.77
CA SER A 35 8.46 21.11 -4.00
C SER A 35 7.61 20.50 -2.90
N TRP A 36 8.04 19.34 -2.43
CA TRP A 36 7.54 18.77 -1.18
C TRP A 36 8.67 18.82 -0.15
N VAL A 37 8.30 19.17 1.07
CA VAL A 37 9.21 19.24 2.19
C VAL A 37 8.55 18.51 3.34
N ARG A 38 9.33 17.80 4.13
CA ARG A 38 8.73 17.09 5.26
C ARG A 38 9.38 17.42 6.59
N GLN A 39 8.67 17.07 7.65
CA GLN A 39 9.12 17.35 8.99
C GLN A 39 8.63 16.23 9.89
N ALA A 40 9.56 15.36 10.28
CA ALA A 40 9.28 14.32 11.27
C ALA A 40 8.92 14.97 12.61
N PRO A 41 8.01 14.33 13.38
CA PRO A 41 7.56 14.95 14.64
C PRO A 41 8.73 15.34 15.55
N GLY A 42 8.81 16.61 15.89
CA GLY A 42 9.87 17.13 16.74
C GLY A 42 11.20 17.42 16.08
N LYS A 43 11.30 17.17 14.76
CA LYS A 43 12.57 17.33 14.04
C LYS A 43 12.54 18.50 13.06
N GLY A 44 13.61 18.64 12.26
CA GLY A 44 13.72 19.79 11.37
C GLY A 44 13.03 19.58 10.03
N LEU A 45 13.10 20.61 9.20
CA LEU A 45 12.60 20.53 7.84
C LEU A 45 13.57 19.76 6.95
N GLU A 46 13.04 18.88 6.11
CA GLU A 46 13.86 18.08 5.21
C GLU A 46 13.24 18.18 3.82
N TRP A 47 14.02 18.62 2.84
CA TRP A 47 13.51 18.64 1.48
C TRP A 47 13.33 17.21 0.96
N VAL A 48 12.26 17.00 0.19
CA VAL A 48 11.92 15.66 -0.30
C VAL A 48 12.06 15.56 -1.81
N SER A 49 11.37 16.43 -2.54
CA SER A 49 11.29 16.33 -4.01
C SER A 49 10.87 17.65 -4.60
N ALA A 50 11.21 17.84 -5.87
CA ALA A 50 10.87 19.07 -6.55
C ALA A 50 10.61 18.80 -8.03
N ILE A 51 9.94 19.74 -8.66
CA ILE A 51 9.56 19.60 -10.06
C ILE A 51 9.52 20.98 -10.69
N ASN A 52 9.96 21.08 -11.94
CA ASN A 52 9.88 22.37 -12.62
C ASN A 52 8.44 22.67 -13.02
N ALA A 53 8.20 23.90 -13.45
CA ALA A 53 6.86 24.38 -13.76
C ALA A 53 6.12 23.51 -14.77
N SER A 54 6.85 23.06 -15.79
CA SER A 54 6.27 22.24 -16.86
C SER A 54 6.09 20.78 -16.48
N GLY A 55 6.77 20.33 -15.44
CA GLY A 55 6.72 18.93 -15.05
C GLY A 55 7.71 18.06 -15.80
N THR A 56 8.52 18.66 -16.65
CA THR A 56 9.46 17.90 -17.48
C THR A 56 10.69 17.40 -16.73
N ARG A 57 11.00 18.03 -15.60
CA ARG A 57 12.17 17.63 -14.81
C ARG A 57 11.81 17.51 -13.35
N THR A 58 12.14 16.37 -12.76
CA THR A 58 11.89 16.09 -11.36
C THR A 58 13.21 15.93 -10.61
N TYR A 59 13.16 16.16 -9.29
CA TYR A 59 14.35 16.09 -8.45
C TYR A 59 14.00 15.39 -7.16
N TYR A 60 14.93 14.60 -6.64
CA TYR A 60 14.70 13.81 -5.42
C TYR A 60 15.86 13.87 -4.44
N ALA A 61 15.53 13.86 -3.15
CA ALA A 61 16.52 13.70 -2.10
C ALA A 61 16.95 12.25 -2.08
N ASP A 62 18.20 12.00 -1.68
CA ASP A 62 18.74 10.64 -1.60
C ASP A 62 17.88 9.68 -0.78
N SER A 63 17.36 10.15 0.35
CA SER A 63 16.49 9.36 1.21
C SER A 63 15.25 8.77 0.51
N VAL A 64 14.80 9.38 -0.58
CA VAL A 64 13.52 8.97 -1.19
C VAL A 64 13.60 8.58 -2.66
N LYS A 65 14.76 8.80 -3.26
CA LYS A 65 15.02 8.45 -4.66
C LYS A 65 14.65 6.98 -4.95
N GLY A 66 13.88 6.77 -6.02
CA GLY A 66 13.48 5.40 -6.39
C GLY A 66 12.26 4.90 -5.65
N ARG A 67 11.84 5.60 -4.60
CA ARG A 67 10.63 5.21 -3.84
C ARG A 67 9.48 6.20 -4.08
N PHE A 68 9.81 7.48 -4.26
CA PHE A 68 8.81 8.52 -4.37
C PHE A 68 8.83 9.03 -5.78
N THR A 69 7.66 9.43 -6.27
CA THR A 69 7.52 10.08 -7.54
C THR A 69 6.70 11.33 -7.40
N ILE A 70 7.30 12.45 -7.79
CA ILE A 70 6.62 13.72 -7.83
C ILE A 70 6.03 13.93 -9.24
N SER A 71 4.83 14.47 -9.31
CA SER A 71 4.19 14.77 -10.59
C SER A 71 3.28 15.95 -10.42
N ARG A 72 2.87 16.54 -11.54
CA ARG A 72 1.86 17.58 -11.47
C ARG A 72 0.84 17.47 -12.60
N ASP A 73 -0.34 18.04 -12.37
CA ASP A 73 -1.34 18.14 -13.42
C ASP A 73 -1.69 19.60 -13.52
N ASN A 74 -1.06 20.28 -14.47
CA ASN A 74 -1.25 21.73 -14.62
C ASN A 74 -2.67 22.13 -14.99
N SER A 75 -3.34 21.30 -15.78
CA SER A 75 -4.75 21.51 -16.13
C SER A 75 -5.67 21.36 -14.93
N LYS A 76 -5.17 20.76 -13.85
CA LYS A 76 -5.95 20.60 -12.62
C LYS A 76 -5.40 21.40 -11.42
N ASN A 77 -4.42 22.27 -11.65
CA ASN A 77 -3.76 23.02 -10.58
C ASN A 77 -3.41 22.16 -9.36
N THR A 78 -2.91 20.96 -9.63
CA THR A 78 -2.59 20.01 -8.58
C THR A 78 -1.16 19.47 -8.70
N LEU A 79 -0.50 19.36 -7.54
CA LEU A 79 0.81 18.72 -7.42
C LEU A 79 0.61 17.39 -6.70
N TYR A 80 1.37 16.36 -7.10
CA TYR A 80 1.27 15.05 -6.46
C TYR A 80 2.58 14.55 -5.91
N LEU A 81 2.49 13.73 -4.87
CA LEU A 81 3.62 12.95 -4.44
C LEU A 81 3.17 11.50 -4.24
N GLN A 82 3.58 10.62 -5.15
CA GLN A 82 3.35 9.19 -4.97
C GLN A 82 4.47 8.60 -4.15
N MET A 83 4.12 8.11 -2.96
CA MET A 83 5.08 7.48 -2.07
C MET A 83 4.90 5.97 -2.06
N ASN A 84 5.95 5.25 -2.48
CA ASN A 84 5.92 3.79 -2.49
C ASN A 84 6.99 3.28 -1.54
N SER A 85 6.92 1.99 -1.20
CA SER A 85 7.91 1.32 -0.33
C SER A 85 8.16 2.13 0.94
N LEU A 86 7.08 2.58 1.56
CA LEU A 86 7.17 3.45 2.73
C LEU A 86 7.87 2.78 3.91
N ARG A 87 8.61 3.57 4.67
CA ARG A 87 9.37 3.09 5.82
C ARG A 87 8.94 3.89 7.04
N ALA A 88 9.20 3.35 8.23
CA ALA A 88 8.88 4.04 9.48
C ALA A 88 9.44 5.47 9.52
N GLU A 89 10.64 5.65 8.95
CA GLU A 89 11.30 6.97 8.99
C GLU A 89 10.76 7.96 7.94
N ASP A 90 9.79 7.52 7.14
CA ASP A 90 9.07 8.45 6.28
C ASP A 90 7.92 9.12 7.05
N THR A 91 7.70 8.71 8.30
CA THR A 91 6.63 9.32 9.12
C THR A 91 6.95 10.80 9.30
N ALA A 92 5.97 11.66 8.98
CA ALA A 92 6.19 13.09 8.98
C ALA A 92 4.98 13.88 8.53
N VAL A 93 4.97 15.17 8.84
CA VAL A 93 4.08 16.09 8.18
C VAL A 93 4.68 16.47 6.84
N TYR A 94 3.92 16.30 5.76
CA TYR A 94 4.43 16.66 4.44
C TYR A 94 3.83 17.99 4.02
N TYR A 95 4.68 18.91 3.57
CA TYR A 95 4.24 20.21 3.06
C TYR A 95 4.52 20.35 1.58
N CYS A 96 3.60 20.94 0.84
CA CYS A 96 3.94 21.43 -0.50
C CYS A 96 4.33 22.90 -0.40
N ALA A 97 5.29 23.29 -1.24
CA ALA A 97 5.80 24.64 -1.27
C ALA A 97 6.01 25.13 -2.70
N ARG A 98 5.74 26.40 -2.93
CA ARG A 98 5.90 27.03 -4.22
C ARG A 98 7.26 27.67 -4.34
N GLY A 99 7.96 27.39 -5.43
CA GLY A 99 9.23 28.05 -5.71
C GLY A 99 9.04 29.47 -6.17
N LYS A 100 9.91 30.37 -5.75
CA LYS A 100 9.85 31.75 -6.19
C LYS A 100 11.23 32.26 -6.64
N GLY A 101 11.23 33.09 -7.68
CA GLY A 101 12.46 33.74 -8.14
C GLY A 101 12.23 35.24 -8.30
N TYR A 109 16.21 31.06 -11.99
CA TYR A 109 16.03 29.89 -11.13
C TYR A 109 15.26 30.22 -9.87
N VAL A 110 14.58 29.21 -9.32
CA VAL A 110 13.95 29.31 -8.00
C VAL A 110 15.00 29.71 -6.94
N ARG A 111 14.66 30.70 -6.12
CA ARG A 111 15.61 31.20 -5.13
C ARG A 111 15.15 30.87 -3.72
N TYR A 112 13.84 30.74 -3.53
CA TYR A 112 13.26 30.42 -2.22
C TYR A 112 11.85 29.86 -2.35
N PHE A 113 11.31 29.36 -1.24
CA PHE A 113 9.91 28.92 -1.21
C PHE A 113 9.08 30.04 -0.56
N ASP A 114 8.07 30.54 -1.27
CA ASP A 114 7.31 31.67 -0.73
C ASP A 114 5.92 31.33 -0.21
N VAL A 115 5.30 30.26 -0.72
CA VAL A 115 3.97 29.84 -0.22
C VAL A 115 4.00 28.39 0.19
N TRP A 116 3.38 28.08 1.34
CA TRP A 116 3.37 26.72 1.86
C TRP A 116 1.97 26.20 2.09
N GLY A 117 1.77 24.90 1.94
CA GLY A 117 0.50 24.27 2.33
C GLY A 117 0.40 24.16 3.84
N GLN A 118 -0.73 23.64 4.32
CA GLN A 118 -0.96 23.53 5.75
C GLN A 118 -0.26 22.29 6.31
N GLY A 119 0.12 21.37 5.43
CA GLY A 119 0.78 20.14 5.85
C GLY A 119 -0.22 19.02 6.00
N THR A 120 0.22 17.80 5.76
CA THR A 120 -0.61 16.62 5.95
C THR A 120 0.24 15.53 6.60
N LEU A 121 -0.29 14.90 7.64
CA LEU A 121 0.46 13.94 8.44
C LEU A 121 0.41 12.55 7.82
N VAL A 122 1.59 11.99 7.61
CA VAL A 122 1.74 10.60 7.16
C VAL A 122 2.43 9.80 8.24
N THR A 123 1.77 8.73 8.68
CA THR A 123 2.32 7.83 9.66
C THR A 123 2.53 6.46 8.98
N VAL A 124 3.73 5.92 9.12
CA VAL A 124 4.06 4.61 8.57
C VAL A 124 4.35 3.69 9.73
N SER A 125 3.46 2.72 9.94
CA SER A 125 3.56 1.85 11.10
C SER A 125 2.77 0.56 10.87
N SER A 126 3.20 -0.51 11.51
CA SER A 126 2.43 -1.76 11.41
C SER A 126 1.25 -1.80 12.42
N ALA A 127 1.24 -0.90 13.39
CA ALA A 127 0.18 -0.85 14.40
C ALA A 127 -1.17 -0.47 13.78
N SER A 128 -2.26 -1.05 14.29
CA SER A 128 -3.60 -0.80 13.76
C SER A 128 -4.22 0.46 14.37
N THR A 129 -5.11 1.09 13.62
CA THR A 129 -5.90 2.20 14.14
C THR A 129 -6.72 1.71 15.33
N LYS A 130 -6.68 2.48 16.41
CA LYS A 130 -7.35 2.15 17.67
C LYS A 130 -7.74 3.44 18.39
N GLY A 131 -9.00 3.50 18.83
CA GLY A 131 -9.50 4.65 19.60
C GLY A 131 -9.09 4.60 21.06
N PRO A 132 -8.98 5.78 21.71
CA PRO A 132 -8.52 5.83 23.08
C PRO A 132 -9.59 5.42 24.09
N SER A 133 -9.14 4.97 25.25
CA SER A 133 -9.96 4.93 26.45
C SER A 133 -9.68 6.22 27.20
N VAL A 134 -10.70 6.76 27.86
CA VAL A 134 -10.54 8.07 28.52
C VAL A 134 -10.89 7.90 29.99
N PHE A 135 -9.91 8.12 30.84
CA PHE A 135 -10.06 7.96 32.27
C PHE A 135 -9.91 9.29 32.98
N PRO A 136 -10.60 9.45 34.11
CA PRO A 136 -10.51 10.70 34.84
C PRO A 136 -9.27 10.77 35.73
N LEU A 137 -8.68 11.95 35.80
CA LEU A 137 -7.69 12.27 36.82
C LEU A 137 -8.45 13.14 37.78
N ALA A 138 -9.01 12.51 38.81
CA ALA A 138 -9.95 13.20 39.68
C ALA A 138 -9.21 14.17 40.61
N PRO A 139 -9.82 15.34 40.88
CA PRO A 139 -9.18 16.28 41.79
C PRO A 139 -9.13 15.65 43.20
N SER A 140 -8.01 15.79 43.89
CA SER A 140 -7.82 15.07 45.15
C SER A 140 -8.59 15.75 46.29
N THR A 148 -6.24 26.26 44.83
CA THR A 148 -6.26 25.69 43.46
C THR A 148 -6.14 24.17 43.42
N ALA A 149 -7.00 23.55 42.62
CA ALA A 149 -7.02 22.11 42.49
C ALA A 149 -6.65 21.76 41.06
N ALA A 150 -6.10 20.57 40.86
CA ALA A 150 -5.82 20.11 39.50
C ALA A 150 -6.67 18.89 39.20
N LEU A 151 -7.14 18.80 37.96
CA LEU A 151 -7.86 17.64 37.49
C LEU A 151 -7.50 17.41 36.03
N GLY A 152 -7.93 16.29 35.49
CA GLY A 152 -7.62 16.01 34.11
C GLY A 152 -8.27 14.80 33.53
N CYS A 153 -7.84 14.47 32.32
CA CYS A 153 -8.23 13.24 31.65
C CYS A 153 -7.00 12.56 31.12
N LEU A 154 -6.94 11.25 31.35
CA LEU A 154 -5.94 10.40 30.75
C LEU A 154 -6.53 9.75 29.50
N VAL A 155 -5.87 10.01 28.38
CA VAL A 155 -6.31 9.58 27.05
C VAL A 155 -5.35 8.48 26.60
N LYS A 156 -5.76 7.24 26.81
CA LYS A 156 -4.82 6.13 26.76
C LYS A 156 -5.12 5.14 25.64
N ASP A 157 -4.04 4.64 25.05
CA ASP A 157 -4.05 3.48 24.17
C ASP A 157 -4.72 3.75 22.84
N TYR A 158 -4.22 4.75 22.12
CA TYR A 158 -4.75 5.05 20.80
C TYR A 158 -3.66 5.05 19.75
N PHE A 159 -4.10 4.98 18.50
CA PHE A 159 -3.17 5.01 17.36
C PHE A 159 -3.94 5.26 16.08
N PRO A 160 -3.38 6.05 15.14
CA PRO A 160 -2.17 6.85 15.24
C PRO A 160 -2.48 8.22 15.86
N GLU A 161 -1.49 9.09 15.92
CA GLU A 161 -1.76 10.50 16.18
C GLU A 161 -2.66 11.04 15.08
N PRO A 162 -3.37 12.15 15.34
CA PRO A 162 -3.42 12.89 16.60
C PRO A 162 -4.76 12.70 17.29
N VAL A 163 -4.83 13.12 18.55
CA VAL A 163 -6.09 13.29 19.25
C VAL A 163 -6.21 14.77 19.64
N THR A 164 -7.44 15.29 19.70
CA THR A 164 -7.63 16.63 20.25
C THR A 164 -8.33 16.52 21.59
N VAL A 165 -8.04 17.46 22.48
CA VAL A 165 -8.74 17.54 23.76
C VAL A 165 -9.16 18.99 23.96
N SER A 166 -10.43 19.19 24.30
CA SER A 166 -10.86 20.47 24.85
C SER A 166 -11.56 20.23 26.20
N TRP A 167 -11.83 21.31 26.91
CA TRP A 167 -12.57 21.24 28.17
C TRP A 167 -13.82 22.09 28.08
N ASN A 168 -14.92 21.52 28.54
CA ASN A 168 -16.23 22.19 28.53
C ASN A 168 -16.56 22.74 27.15
N SER A 169 -16.30 21.89 26.16
CA SER A 169 -16.57 22.18 24.76
C SER A 169 -15.88 23.45 24.27
N GLY A 170 -14.70 23.75 24.81
CA GLY A 170 -13.96 24.97 24.46
C GLY A 170 -14.13 26.18 25.36
N ALA A 171 -15.08 26.12 26.28
CA ALA A 171 -15.35 27.25 27.18
C ALA A 171 -14.26 27.40 28.26
N LEU A 172 -13.65 26.28 28.62
CA LEU A 172 -12.56 26.26 29.60
C LEU A 172 -11.21 26.14 28.90
N THR A 173 -10.43 27.21 28.92
CA THR A 173 -9.08 27.21 28.36
C THR A 173 -8.01 27.64 29.35
N SER A 174 -8.40 28.49 30.31
CA SER A 174 -7.44 29.00 31.28
C SER A 174 -6.90 27.85 32.12
N GLY A 175 -5.57 27.78 32.22
CA GLY A 175 -4.92 26.77 33.07
C GLY A 175 -4.92 25.36 32.49
N VAL A 176 -5.34 25.22 31.22
CA VAL A 176 -5.33 23.93 30.54
C VAL A 176 -3.93 23.61 30.01
N HIS A 177 -3.47 22.38 30.26
CA HIS A 177 -2.26 21.86 29.63
C HIS A 177 -2.55 20.49 29.03
N THR A 178 -2.44 20.38 27.73
CA THR A 178 -2.61 19.10 27.07
C THR A 178 -1.23 18.66 26.62
N PHE A 179 -0.75 17.55 27.17
CA PHE A 179 0.64 17.16 26.96
C PHE A 179 0.86 16.48 25.65
N PRO A 180 2.07 16.61 25.10
CA PRO A 180 2.37 15.83 23.90
C PRO A 180 2.18 14.35 24.20
N ALA A 181 1.66 13.60 23.24
CA ALA A 181 1.48 12.16 23.39
C ALA A 181 2.84 11.48 23.51
N VAL A 182 2.89 10.40 24.28
CA VAL A 182 4.05 9.54 24.34
C VAL A 182 3.71 8.17 23.79
N LEU A 183 4.58 7.64 22.95
CA LEU A 183 4.43 6.26 22.48
C LEU A 183 4.83 5.29 23.60
N GLN A 184 3.89 4.44 24.01
CA GLN A 184 4.14 3.48 25.07
C GLN A 184 4.87 2.27 24.48
N SER A 185 5.44 1.43 25.35
CA SER A 185 6.17 0.25 24.90
C SER A 185 5.23 -0.70 24.14
N SER A 186 3.93 -0.61 24.44
CA SER A 186 2.90 -1.37 23.75
C SER A 186 2.70 -0.93 22.31
N GLY A 187 3.34 0.16 21.91
CA GLY A 187 3.17 0.69 20.57
C GLY A 187 1.94 1.59 20.40
N LEU A 188 1.24 1.86 21.49
CA LEU A 188 0.09 2.78 21.46
C LEU A 188 0.45 4.09 22.16
N TYR A 189 -0.18 5.18 21.74
CA TYR A 189 0.04 6.46 22.39
C TYR A 189 -0.83 6.64 23.61
N SER A 190 -0.41 7.56 24.46
CA SER A 190 -1.16 7.95 25.62
C SER A 190 -0.79 9.40 25.89
N LEU A 191 -1.75 10.18 26.35
CA LEU A 191 -1.44 11.53 26.82
C LEU A 191 -2.41 11.93 27.92
N SER A 192 -2.05 12.98 28.64
CA SER A 192 -2.95 13.53 29.64
C SER A 192 -3.25 14.97 29.28
N SER A 193 -4.43 15.41 29.67
CA SER A 193 -4.79 16.82 29.61
C SER A 193 -5.26 17.18 31.02
N VAL A 194 -4.72 18.26 31.54
CA VAL A 194 -5.02 18.67 32.90
C VAL A 194 -5.47 20.12 32.92
N VAL A 195 -6.16 20.50 33.96
CA VAL A 195 -6.51 21.88 34.15
C VAL A 195 -6.44 22.16 35.64
N THR A 196 -5.95 23.34 35.99
CA THR A 196 -6.01 23.80 37.37
C THR A 196 -7.19 24.75 37.52
N VAL A 197 -7.97 24.54 38.59
CA VAL A 197 -9.20 25.29 38.81
C VAL A 197 -9.33 25.65 40.29
N PRO A 198 -10.20 26.63 40.62
CA PRO A 198 -10.42 26.94 42.03
C PRO A 198 -10.98 25.74 42.78
N SER A 199 -10.36 25.40 43.90
CA SER A 199 -10.84 24.34 44.79
C SER A 199 -12.30 24.55 45.13
N SER A 200 -12.70 25.81 45.29
CA SER A 200 -14.08 26.17 45.65
C SER A 200 -15.13 25.70 44.63
N SER A 201 -14.73 25.56 43.38
CA SER A 201 -15.65 25.18 42.31
C SER A 201 -15.90 23.67 42.24
N LEU A 202 -15.11 22.87 42.95
CA LEU A 202 -15.20 21.42 42.80
C LEU A 202 -16.55 20.88 43.28
N GLY A 203 -17.23 20.11 42.44
CA GLY A 203 -18.53 19.54 42.79
C GLY A 203 -19.70 20.50 42.56
N THR A 204 -19.38 21.71 42.11
CA THR A 204 -20.36 22.70 41.70
C THR A 204 -20.24 22.96 40.18
N GLN A 205 -19.06 23.39 39.77
CA GLN A 205 -18.76 23.51 38.35
C GLN A 205 -18.51 22.13 37.73
N THR A 206 -19.18 21.85 36.62
CA THR A 206 -18.97 20.60 35.88
C THR A 206 -17.77 20.75 34.97
N TYR A 207 -16.92 19.73 34.97
CA TYR A 207 -15.73 19.71 34.11
C TYR A 207 -15.79 18.48 33.23
N ILE A 208 -15.85 18.73 31.92
CA ILE A 208 -15.95 17.68 30.95
C ILE A 208 -14.77 17.78 29.97
N CYS A 209 -14.04 16.68 29.81
CA CYS A 209 -12.99 16.71 28.78
C CYS A 209 -13.54 16.11 27.50
N ASN A 210 -13.40 16.88 26.42
CA ASN A 210 -13.88 16.46 25.11
C ASN A 210 -12.73 15.93 24.27
N VAL A 211 -12.79 14.65 23.95
CA VAL A 211 -11.69 13.96 23.31
C VAL A 211 -12.16 13.53 21.93
N ASN A 212 -11.34 13.79 20.91
CA ASN A 212 -11.70 13.43 19.53
C ASN A 212 -10.49 12.81 18.86
N HIS A 213 -10.61 11.52 18.52
CA HIS A 213 -9.60 10.79 17.77
C HIS A 213 -10.17 10.54 16.39
N LYS A 214 -9.94 11.50 15.50
CA LYS A 214 -10.51 11.43 14.15
C LYS A 214 -10.11 10.19 13.35
N PRO A 215 -8.84 9.73 13.45
CA PRO A 215 -8.48 8.54 12.68
C PRO A 215 -9.34 7.30 12.95
N SER A 216 -9.90 7.16 14.17
CA SER A 216 -10.79 6.04 14.49
C SER A 216 -12.26 6.45 14.67
N ASN A 217 -12.58 7.69 14.32
CA ASN A 217 -13.93 8.25 14.55
C ASN A 217 -14.44 8.01 15.98
N THR A 218 -13.57 8.22 16.96
CA THR A 218 -13.88 8.04 18.36
C THR A 218 -13.98 9.41 19.01
N LYS A 219 -15.17 9.73 19.51
CA LYS A 219 -15.36 10.94 20.29
C LYS A 219 -15.93 10.56 21.64
N VAL A 220 -15.37 11.15 22.69
CA VAL A 220 -15.82 10.89 24.04
C VAL A 220 -15.88 12.21 24.81
N ASP A 221 -16.97 12.40 25.56
CA ASP A 221 -17.06 13.51 26.52
C ASP A 221 -17.08 12.89 27.92
N LYS A 222 -16.06 13.18 28.72
CA LYS A 222 -15.92 12.51 30.01
C LYS A 222 -16.02 13.52 31.13
N LYS A 223 -16.99 13.33 32.01
CA LYS A 223 -17.10 14.18 33.18
C LYS A 223 -16.08 13.76 34.21
N VAL A 224 -15.35 14.73 34.75
CA VAL A 224 -14.29 14.47 35.75
C VAL A 224 -14.73 15.14 37.04
N GLU A 225 -14.95 14.33 38.07
CA GLU A 225 -15.46 14.82 39.35
C GLU A 225 -14.66 14.29 40.52
N PRO A 226 -14.76 14.94 41.70
CA PRO A 226 -14.05 14.38 42.86
C PRO A 226 -14.59 12.97 43.15
N LYS A 227 -13.70 12.05 43.54
CA LYS A 227 -14.09 10.66 43.81
C LYS A 227 -14.88 10.58 45.12
N SER A 228 -15.97 9.80 45.07
CA SER A 228 -16.99 9.73 46.13
C SER A 228 -16.45 9.65 47.56
N ASP B 1 26.88 17.81 -1.40
CA ASP B 1 25.75 18.50 -0.73
C ASP B 1 26.26 19.69 0.07
N ILE B 2 25.48 20.76 0.04
CA ILE B 2 25.77 21.92 0.86
C ILE B 2 25.12 21.73 2.24
N VAL B 3 25.96 21.56 3.26
CA VAL B 3 25.47 21.40 4.60
C VAL B 3 25.35 22.79 5.21
N LEU B 4 24.16 23.10 5.73
CA LEU B 4 23.92 24.34 6.48
C LEU B 4 23.94 24.03 7.97
N THR B 5 24.92 24.60 8.66
CA THR B 5 25.03 24.42 10.11
C THR B 5 24.54 25.67 10.83
N GLN B 6 23.44 25.51 11.56
CA GLN B 6 22.90 26.60 12.35
C GLN B 6 23.38 26.54 13.78
N SER B 7 23.80 27.69 14.29
CA SER B 7 24.19 27.81 15.67
C SER B 7 23.70 29.15 16.23
N PRO B 8 23.46 29.20 17.57
CA PRO B 8 23.46 28.02 18.44
C PRO B 8 22.21 27.18 18.16
N ALA B 9 22.18 25.95 18.65
CA ALA B 9 20.98 25.08 18.52
C ALA B 9 19.76 25.71 19.21
N THR B 10 19.99 26.34 20.36
CA THR B 10 18.93 26.96 21.14
C THR B 10 19.44 28.30 21.69
N LEU B 11 18.52 29.24 21.80
CA LEU B 11 18.80 30.53 22.45
C LEU B 11 17.72 30.80 23.48
N SER B 12 18.14 31.23 24.67
CA SER B 12 17.20 31.63 25.69
C SER B 12 17.41 33.11 25.95
N LEU B 13 16.41 33.92 25.61
CA LEU B 13 16.59 35.36 25.64
C LEU B 13 15.37 36.07 26.19
N SER B 14 15.60 37.26 26.75
CA SER B 14 14.52 38.02 27.34
C SER B 14 13.92 38.95 26.32
N PRO B 15 12.61 39.24 26.43
CA PRO B 15 11.99 40.23 25.55
C PRO B 15 12.82 41.51 25.49
N GLY B 16 12.98 42.06 24.29
CA GLY B 16 13.76 43.27 24.08
C GLY B 16 15.22 43.04 23.81
N GLU B 17 15.70 41.80 23.96
CA GLU B 17 17.09 41.47 23.68
C GLU B 17 17.32 41.22 22.20
N ARG B 18 18.57 41.38 21.76
CA ARG B 18 18.97 41.08 20.39
C ARG B 18 19.23 39.60 20.20
N ALA B 19 18.61 39.01 19.17
CA ALA B 19 18.88 37.62 18.83
C ALA B 19 19.76 37.57 17.58
N THR B 20 20.90 36.89 17.68
CA THR B 20 21.79 36.70 16.53
C THR B 20 21.89 35.23 16.19
N LEU B 21 21.36 34.86 15.03
CA LEU B 21 21.33 33.47 14.60
C LEU B 21 22.23 33.30 13.39
N SER B 22 23.04 32.25 13.43
CA SER B 22 24.06 32.02 12.43
C SER B 22 23.69 30.80 11.56
N CYS B 23 24.03 30.87 10.29
CA CYS B 23 23.87 29.75 9.36
C CYS B 23 25.17 29.70 8.57
N ARG B 24 25.96 28.66 8.79
CA ARG B 24 27.24 28.48 8.12
C ARG B 24 27.11 27.39 7.06
N ALA B 25 27.52 27.70 5.83
CA ALA B 25 27.42 26.73 4.73
C ALA B 25 28.75 26.00 4.50
N SER B 26 28.68 24.74 4.12
CA SER B 26 29.89 23.93 3.97
C SER B 26 30.70 24.34 2.72
N GLN B 27 30.07 25.08 1.80
CA GLN B 27 30.76 25.71 0.68
C GLN B 27 29.99 26.98 0.33
N SER B 28 30.56 27.83 -0.53
CA SER B 28 29.91 29.09 -0.92
C SER B 28 28.54 28.89 -1.56
N VAL B 29 27.62 29.77 -1.16
CA VAL B 29 26.24 29.78 -1.62
C VAL B 29 25.97 31.20 -2.07
N SER B 30 25.51 31.36 -3.30
CA SER B 30 25.06 32.70 -3.74
C SER B 30 24.02 33.24 -2.79
N SER B 31 24.25 34.46 -2.31
CA SER B 31 23.35 35.05 -1.33
C SER B 31 21.91 35.22 -1.84
N SER B 32 21.70 35.23 -3.17
CA SER B 32 20.34 35.30 -3.73
C SER B 32 19.49 34.06 -3.37
N TYR B 33 20.16 32.98 -2.96
CA TYR B 33 19.51 31.67 -2.79
C TYR B 33 19.44 31.20 -1.34
N LEU B 34 19.65 32.10 -0.40
CA LEU B 34 19.70 31.75 1.01
C LEU B 34 18.56 32.50 1.69
N ALA B 35 17.62 31.77 2.28
CA ALA B 35 16.45 32.38 2.90
C ALA B 35 16.32 31.90 4.34
N TRP B 36 15.54 32.63 5.13
CA TRP B 36 15.27 32.29 6.50
C TRP B 36 13.77 32.17 6.69
N TYR B 37 13.39 31.20 7.52
CA TYR B 37 11.97 30.86 7.80
C TYR B 37 11.78 30.86 9.30
N GLN B 38 10.57 31.24 9.72
CA GLN B 38 10.18 31.15 11.11
C GLN B 38 9.11 30.06 11.20
N GLN B 39 9.18 29.23 12.22
CA GLN B 39 8.11 28.26 12.43
C GLN B 39 7.70 28.14 13.89
N LYS B 40 6.39 28.25 14.11
CA LYS B 40 5.76 28.03 15.40
C LYS B 40 5.06 26.67 15.42
N PRO B 41 5.00 26.01 16.61
CA PRO B 41 4.34 24.69 16.72
C PRO B 41 2.98 24.64 16.06
N GLY B 42 2.74 23.59 15.27
CA GLY B 42 1.47 23.36 14.58
C GLY B 42 1.33 24.10 13.27
N GLN B 43 2.28 24.98 12.96
CA GLN B 43 2.18 25.81 11.76
C GLN B 43 3.25 25.48 10.72
N ALA B 44 2.92 25.78 9.47
CA ALA B 44 3.85 25.74 8.36
C ALA B 44 4.92 26.82 8.57
N PRO B 45 6.13 26.61 8.01
CA PRO B 45 7.15 27.66 8.02
C PRO B 45 6.63 28.92 7.34
N ARG B 46 7.09 30.07 7.82
CA ARG B 46 6.75 31.38 7.28
C ARG B 46 8.06 32.01 6.80
N LEU B 47 8.06 32.43 5.54
CA LEU B 47 9.19 33.16 4.97
C LEU B 47 9.44 34.48 5.70
N LEU B 48 10.67 34.67 6.20
CA LEU B 48 11.08 35.92 6.85
C LEU B 48 11.95 36.76 5.94
N ILE B 49 13.00 36.13 5.44
CA ILE B 49 14.07 36.81 4.71
C ILE B 49 14.36 35.98 3.47
N TYR B 50 14.43 36.60 2.30
CA TYR B 50 14.89 35.89 1.12
C TYR B 50 16.11 36.62 0.53
N GLY B 51 16.92 35.90 -0.23
CA GLY B 51 18.13 36.49 -0.84
C GLY B 51 19.04 37.09 0.21
N ALA B 52 19.16 36.37 1.32
CA ALA B 52 19.99 36.74 2.45
C ALA B 52 19.60 37.99 3.23
N SER B 53 19.03 39.01 2.56
CA SER B 53 18.87 40.31 3.21
C SER B 53 17.50 40.98 2.99
N SER B 54 16.67 40.44 2.11
CA SER B 54 15.37 41.07 1.79
C SER B 54 14.24 40.56 2.70
N ARG B 55 13.53 41.49 3.33
CA ARG B 55 12.39 41.14 4.18
C ARG B 55 11.21 40.77 3.31
N ALA B 56 10.57 39.64 3.61
CA ALA B 56 9.31 39.28 2.97
C ALA B 56 8.23 40.27 3.36
N THR B 57 7.20 40.43 2.52
CA THR B 57 6.11 41.35 2.84
C THR B 57 5.45 40.95 4.16
N GLY B 58 5.15 41.95 5.00
CA GLY B 58 4.52 41.68 6.31
C GLY B 58 5.49 41.45 7.46
N VAL B 59 6.77 41.25 7.15
CA VAL B 59 7.78 41.00 8.18
C VAL B 59 8.26 42.33 8.75
N PRO B 60 8.22 42.49 10.09
CA PRO B 60 8.63 43.76 10.70
C PRO B 60 10.13 44.07 10.58
N ALA B 61 10.47 45.35 10.64
CA ALA B 61 11.85 45.80 10.41
C ALA B 61 12.85 45.26 11.44
N ARG B 62 12.37 44.81 12.59
CA ARG B 62 13.28 44.25 13.63
C ARG B 62 14.01 42.97 13.15
N PHE B 63 13.50 42.35 12.09
CA PHE B 63 14.18 41.23 11.43
C PHE B 63 15.11 41.70 10.33
N SER B 64 16.38 41.32 10.42
CA SER B 64 17.30 41.60 9.32
C SER B 64 18.27 40.46 9.07
N GLY B 65 18.62 40.30 7.81
CA GLY B 65 19.48 39.22 7.41
C GLY B 65 20.68 39.84 6.76
N SER B 66 21.81 39.16 6.89
CA SER B 66 23.04 39.64 6.27
C SER B 66 23.93 38.46 5.97
N GLY B 67 25.05 38.75 5.29
CA GLY B 67 26.07 37.76 5.09
C GLY B 67 26.24 37.37 3.65
N SER B 68 27.27 36.59 3.38
CA SER B 68 27.59 36.11 2.05
C SER B 68 28.62 34.99 2.14
N GLY B 69 28.86 34.31 1.03
CA GLY B 69 29.86 33.26 0.97
C GLY B 69 29.38 32.04 1.72
N THR B 70 29.90 31.85 2.93
CA THR B 70 29.51 30.68 3.70
C THR B 70 28.92 31.07 5.05
N ASP B 71 28.86 32.37 5.33
CA ASP B 71 28.43 32.84 6.64
C ASP B 71 27.26 33.80 6.55
N PHE B 72 26.10 33.37 7.04
CA PHE B 72 24.88 34.16 6.99
C PHE B 72 24.31 34.33 8.39
N THR B 73 23.65 35.48 8.60
CA THR B 73 23.17 35.87 9.93
C THR B 73 21.76 36.40 9.85
N LEU B 74 20.93 35.96 10.79
CA LEU B 74 19.64 36.57 10.97
C LEU B 74 19.68 37.25 12.32
N THR B 75 19.29 38.52 12.34
CA THR B 75 19.31 39.30 13.55
C THR B 75 17.90 39.78 13.82
N ILE B 76 17.45 39.56 15.05
CA ILE B 76 16.24 40.17 15.53
C ILE B 76 16.69 41.22 16.53
N SER B 77 16.50 42.50 16.18
CA SER B 77 17.08 43.62 16.94
C SER B 77 16.61 43.67 18.38
N SER B 78 15.30 43.57 18.57
CA SER B 78 14.66 43.59 19.88
C SER B 78 13.49 42.61 19.89
N LEU B 79 13.67 41.47 20.57
CA LEU B 79 12.71 40.38 20.56
C LEU B 79 11.36 40.77 21.13
N GLU B 80 10.30 40.49 20.37
CA GLU B 80 8.92 40.64 20.85
C GLU B 80 8.41 39.24 21.23
N PRO B 81 7.36 39.15 22.07
CA PRO B 81 6.90 37.82 22.49
C PRO B 81 6.54 36.89 21.32
N GLU B 82 5.97 37.44 20.26
CA GLU B 82 5.61 36.65 19.08
C GLU B 82 6.82 36.18 18.24
N ASP B 83 8.02 36.58 18.62
CA ASP B 83 9.22 36.20 17.86
C ASP B 83 9.85 34.92 18.36
N PHE B 84 9.32 34.39 19.44
CA PHE B 84 9.90 33.20 20.00
C PHE B 84 9.30 32.04 19.23
N ALA B 85 10.17 31.30 18.56
CA ALA B 85 9.80 30.34 17.54
C ALA B 85 11.07 29.59 17.14
N THR B 86 10.98 28.70 16.15
CA THR B 86 12.16 28.07 15.57
C THR B 86 12.46 28.72 14.22
N TYR B 87 13.74 28.88 13.93
CA TYR B 87 14.19 29.56 12.72
C TYR B 87 15.11 28.65 11.90
N TYR B 88 14.82 28.53 10.61
CA TYR B 88 15.57 27.66 9.70
C TYR B 88 16.13 28.46 8.56
N CYS B 89 17.35 28.12 8.14
CA CYS B 89 17.87 28.68 6.92
C CYS B 89 17.68 27.63 5.83
N LEU B 90 17.66 28.10 4.59
CA LEU B 90 17.41 27.24 3.45
C LEU B 90 18.27 27.73 2.32
N GLN B 91 18.91 26.78 1.63
CA GLN B 91 19.58 27.07 0.36
C GLN B 91 18.92 26.31 -0.78
N ILE B 92 18.64 27.04 -1.87
CA ILE B 92 18.17 26.42 -3.11
C ILE B 92 19.17 26.70 -4.26
N TYR B 93 20.41 26.98 -3.88
CA TYR B 93 21.49 27.30 -4.82
C TYR B 93 21.90 26.07 -5.63
N ASN B 94 21.89 24.90 -4.99
CA ASN B 94 22.23 23.67 -5.73
C ASN B 94 21.52 22.48 -5.14
N MET B 95 21.24 21.49 -5.98
CA MET B 95 20.62 20.25 -5.54
C MET B 95 21.65 19.36 -4.85
N PRO B 96 21.27 18.68 -3.77
CA PRO B 96 19.92 18.69 -3.16
C PRO B 96 19.67 19.96 -2.37
N ILE B 97 18.43 20.46 -2.40
CA ILE B 97 17.99 21.56 -1.54
C ILE B 97 18.21 21.14 -0.09
N THR B 98 18.80 22.02 0.70
CA THR B 98 19.06 21.70 2.11
C THR B 98 18.61 22.82 3.04
N PHE B 99 18.21 22.40 4.25
CA PHE B 99 17.85 23.30 5.34
C PHE B 99 18.89 23.14 6.42
N GLY B 100 19.11 24.20 7.21
CA GLY B 100 19.83 24.05 8.47
C GLY B 100 18.92 23.32 9.47
N GLN B 101 19.50 22.85 10.56
CA GLN B 101 18.75 22.05 11.52
C GLN B 101 17.92 22.88 12.49
N GLY B 102 18.02 24.20 12.39
CA GLY B 102 17.14 25.09 13.13
C GLY B 102 17.77 25.66 14.40
N THR B 103 17.36 26.87 14.74
CA THR B 103 17.69 27.43 16.06
C THR B 103 16.36 27.73 16.75
N LYS B 104 16.18 27.17 17.94
CA LYS B 104 14.98 27.43 18.68
C LYS B 104 15.21 28.59 19.66
N VAL B 105 14.43 29.64 19.54
CA VAL B 105 14.54 30.82 20.41
C VAL B 105 13.43 30.75 21.44
N GLU B 106 13.83 30.59 22.70
CA GLU B 106 12.91 30.46 23.80
C GLU B 106 12.99 31.68 24.72
N ILE B 107 11.89 31.94 25.43
CA ILE B 107 11.77 33.09 26.36
C ILE B 107 12.43 32.79 27.69
N LYS B 108 13.35 33.67 28.09
CA LYS B 108 13.90 33.61 29.43
C LYS B 108 12.92 34.32 30.39
N ARG B 109 12.68 33.70 31.54
CA ARG B 109 11.87 34.31 32.58
C ARG B 109 12.48 33.91 33.90
N THR B 110 11.87 34.31 35.00
CA THR B 110 12.42 34.04 36.32
C THR B 110 12.18 32.58 36.70
N VAL B 111 12.99 32.08 37.62
CA VAL B 111 12.81 30.74 38.13
C VAL B 111 11.40 30.65 38.77
N ALA B 112 10.70 29.54 38.49
CA ALA B 112 9.38 29.26 39.07
C ALA B 112 9.34 27.78 39.49
N ALA B 113 9.02 27.52 40.76
CA ALA B 113 8.96 26.15 41.24
C ALA B 113 7.68 25.49 40.74
N PRO B 114 7.72 24.17 40.48
CA PRO B 114 6.50 23.50 40.03
C PRO B 114 5.52 23.33 41.18
N SER B 115 4.23 23.36 40.86
CA SER B 115 3.20 22.87 41.77
C SER B 115 2.98 21.42 41.40
N VAL B 116 3.10 20.52 42.36
CA VAL B 116 3.07 19.09 42.10
C VAL B 116 1.73 18.47 42.56
N PHE B 117 1.21 17.58 41.73
CA PHE B 117 -0.04 16.86 42.00
C PHE B 117 0.15 15.40 41.63
N ILE B 118 -0.50 14.51 42.38
CA ILE B 118 -0.43 13.10 42.09
C ILE B 118 -1.84 12.56 41.96
N PHE B 119 -2.02 11.66 41.00
CA PHE B 119 -3.36 11.11 40.72
C PHE B 119 -3.31 9.60 40.71
N PRO B 120 -4.15 8.97 41.56
CA PRO B 120 -4.28 7.52 41.53
C PRO B 120 -4.95 7.06 40.25
N PRO B 121 -4.84 5.77 39.92
CA PRO B 121 -5.62 5.25 38.82
C PRO B 121 -7.11 5.27 39.23
N SER B 122 -7.97 5.50 38.24
CA SER B 122 -9.41 5.48 38.47
C SER B 122 -9.88 4.04 38.59
N ASP B 123 -10.98 3.84 39.31
CA ASP B 123 -11.59 2.50 39.40
C ASP B 123 -11.93 1.95 38.02
N GLU B 124 -12.38 2.83 37.13
CA GLU B 124 -12.69 2.45 35.77
C GLU B 124 -11.50 1.81 35.06
N GLN B 125 -10.33 2.43 35.17
CA GLN B 125 -9.13 1.86 34.58
C GLN B 125 -8.79 0.51 35.22
N LEU B 126 -8.94 0.42 36.54
CA LEU B 126 -8.61 -0.83 37.25
C LEU B 126 -9.43 -2.03 36.76
N LYS B 127 -10.66 -1.79 36.29
CA LYS B 127 -11.48 -2.85 35.66
C LYS B 127 -10.81 -3.52 34.45
N SER B 128 -9.90 -2.81 33.77
CA SER B 128 -9.26 -3.32 32.56
C SER B 128 -7.85 -3.91 32.79
N GLY B 129 -7.46 -4.06 34.06
CA GLY B 129 -6.23 -4.78 34.39
C GLY B 129 -4.94 -3.97 34.40
N THR B 130 -5.01 -2.69 34.04
CA THR B 130 -3.85 -1.80 34.12
C THR B 130 -4.09 -0.65 35.08
N ALA B 131 -3.02 -0.14 35.68
CA ALA B 131 -3.09 1.05 36.52
C ALA B 131 -2.09 2.08 35.99
N SER B 132 -2.56 3.31 35.77
CA SER B 132 -1.67 4.42 35.47
C SER B 132 -1.67 5.36 36.65
N VAL B 133 -0.49 5.67 37.16
CA VAL B 133 -0.36 6.67 38.21
C VAL B 133 0.27 7.92 37.58
N VAL B 134 -0.35 9.07 37.78
CA VAL B 134 0.12 10.30 37.13
C VAL B 134 0.66 11.32 38.12
N CYS B 135 1.85 11.84 37.81
CA CYS B 135 2.42 12.96 38.54
C CYS B 135 2.48 14.18 37.62
N LEU B 136 1.88 15.28 38.06
CA LEU B 136 1.87 16.55 37.32
C LEU B 136 2.78 17.57 37.99
N LEU B 137 3.68 18.16 37.20
CA LEU B 137 4.51 19.28 37.65
C LEU B 137 3.99 20.46 36.86
N ASN B 138 3.41 21.44 37.54
CA ASN B 138 2.71 22.48 36.83
C ASN B 138 3.41 23.82 36.90
N ASN B 139 3.52 24.49 35.74
CA ASN B 139 3.96 25.91 35.66
C ASN B 139 5.33 26.20 36.29
N PHE B 140 6.36 25.52 35.79
CA PHE B 140 7.71 25.70 36.32
C PHE B 140 8.67 26.27 35.28
N TYR B 141 9.80 26.78 35.78
CA TYR B 141 10.87 27.32 34.94
C TYR B 141 12.16 27.35 35.77
N PRO B 142 13.28 26.86 35.20
CA PRO B 142 13.52 26.39 33.82
C PRO B 142 12.99 24.96 33.56
N ARG B 143 13.17 24.48 32.34
CA ARG B 143 12.59 23.19 31.90
C ARG B 143 13.13 21.99 32.67
N GLU B 144 14.37 22.08 33.13
CA GLU B 144 15.05 20.95 33.76
C GLU B 144 14.35 20.58 35.06
N ALA B 145 13.93 19.32 35.15
CA ALA B 145 13.24 18.83 36.34
C ALA B 145 13.44 17.34 36.44
N LYS B 146 13.51 16.81 37.66
CA LYS B 146 13.65 15.37 37.83
C LYS B 146 12.46 14.84 38.62
N VAL B 147 11.90 13.74 38.15
CA VAL B 147 10.80 13.08 38.85
C VAL B 147 11.25 11.67 39.21
N GLN B 148 11.07 11.30 40.47
CA GLN B 148 11.39 9.96 40.94
C GLN B 148 10.12 9.32 41.49
N TRP B 149 9.81 8.11 41.04
CA TRP B 149 8.65 7.37 41.55
C TRP B 149 9.09 6.35 42.58
N LYS B 150 8.36 6.29 43.71
CA LYS B 150 8.56 5.25 44.73
C LYS B 150 7.21 4.60 45.07
N VAL B 151 7.20 3.27 45.12
CA VAL B 151 6.01 2.51 45.50
C VAL B 151 6.43 1.70 46.74
N ASP B 152 5.83 1.96 47.90
CA ASP B 152 6.28 1.39 49.19
C ASP B 152 7.81 1.46 49.33
N ASN B 153 8.32 2.66 49.06
CA ASN B 153 9.74 2.96 49.15
C ASN B 153 10.62 2.26 48.12
N ALA B 154 10.03 1.53 47.19
CA ALA B 154 10.79 0.96 46.07
C ALA B 154 10.92 1.97 44.93
N LEU B 155 12.16 2.31 44.57
CA LEU B 155 12.39 3.18 43.43
C LEU B 155 11.99 2.46 42.14
N GLN B 156 11.18 3.14 41.33
CA GLN B 156 10.71 2.62 40.06
C GLN B 156 11.64 3.07 38.96
N SER B 157 12.25 2.14 38.25
CA SER B 157 13.12 2.53 37.13
C SER B 157 12.68 1.84 35.87
N GLY B 158 12.32 2.62 34.86
CA GLY B 158 12.06 2.09 33.53
C GLY B 158 10.60 1.91 33.15
N ASN B 159 9.70 2.05 34.12
CA ASN B 159 8.28 1.84 33.89
C ASN B 159 7.50 3.14 33.97
N SER B 160 8.19 4.25 33.71
CA SER B 160 7.47 5.51 33.62
C SER B 160 7.83 6.27 32.36
N GLN B 161 6.93 7.16 31.94
CA GLN B 161 7.22 8.00 30.79
C GLN B 161 6.81 9.43 31.07
N GLU B 162 7.54 10.36 30.47
CA GLU B 162 7.39 11.79 30.73
C GLU B 162 7.01 12.56 29.48
N SER B 163 6.25 13.62 29.68
CA SER B 163 5.90 14.51 28.59
C SER B 163 5.95 15.95 29.12
N VAL B 164 6.44 16.89 28.30
CA VAL B 164 6.61 18.28 28.72
C VAL B 164 5.95 19.19 27.68
N THR B 165 5.21 20.20 28.13
CA THR B 165 4.58 21.14 27.21
C THR B 165 5.62 22.13 26.66
N GLU B 166 5.25 22.85 25.61
CA GLU B 166 5.99 24.04 25.15
C GLU B 166 5.77 25.15 26.16
N GLN B 167 6.60 26.20 26.12
CA GLN B 167 6.38 27.32 27.03
C GLN B 167 5.00 27.91 26.92
N ASP B 168 4.41 28.21 28.08
CA ASP B 168 3.06 28.77 28.14
C ASP B 168 3.04 30.16 27.50
N SER B 169 2.02 30.46 26.70
CA SER B 169 1.98 31.76 26.01
C SER B 169 1.73 32.92 26.97
N LYS B 170 1.10 32.64 28.10
CA LYS B 170 0.85 33.66 29.11
C LYS B 170 2.02 33.86 30.09
N ASP B 171 2.53 32.79 30.69
CA ASP B 171 3.58 32.93 31.71
C ASP B 171 4.96 32.38 31.36
N SER B 172 5.10 31.84 30.14
CA SER B 172 6.36 31.25 29.64
C SER B 172 6.93 30.11 30.50
N THR B 173 6.06 29.43 31.24
CA THR B 173 6.47 28.28 32.04
C THR B 173 6.27 26.96 31.29
N TYR B 174 6.80 25.90 31.87
CA TYR B 174 6.62 24.54 31.34
C TYR B 174 5.74 23.77 32.31
N SER B 175 5.09 22.73 31.81
CA SER B 175 4.49 21.74 32.69
C SER B 175 4.93 20.36 32.23
N LEU B 176 4.86 19.39 33.12
CA LEU B 176 5.38 18.07 32.83
C LEU B 176 4.46 17.06 33.45
N SER B 177 4.17 15.99 32.72
CA SER B 177 3.40 14.87 33.21
C SER B 177 4.32 13.66 33.24
N SER B 178 4.31 12.93 34.35
CA SER B 178 4.98 11.62 34.40
C SER B 178 3.97 10.55 34.75
N THR B 179 3.96 9.48 33.97
CA THR B 179 2.95 8.46 34.15
C THR B 179 3.67 7.14 34.45
N LEU B 180 3.32 6.55 35.59
CA LEU B 180 3.85 5.26 36.00
C LEU B 180 2.83 4.18 35.63
N THR B 181 3.28 3.12 34.97
CA THR B 181 2.39 2.05 34.55
C THR B 181 2.64 0.82 35.43
N LEU B 182 1.56 0.28 36.00
CA LEU B 182 1.61 -0.98 36.76
C LEU B 182 0.42 -1.86 36.36
N SER B 183 0.51 -3.16 36.65
CA SER B 183 -0.65 -4.03 36.47
C SER B 183 -1.58 -3.76 37.65
N LYS B 184 -2.86 -4.11 37.52
CA LYS B 184 -3.79 -3.97 38.65
C LYS B 184 -3.30 -4.78 39.85
N ALA B 185 -2.90 -6.03 39.62
CA ALA B 185 -2.46 -6.90 40.70
C ALA B 185 -1.35 -6.25 41.51
N ASP B 186 -0.37 -5.69 40.81
CA ASP B 186 0.75 -5.01 41.46
C ASP B 186 0.33 -3.77 42.19
N TYR B 187 -0.50 -2.96 41.54
CA TYR B 187 -1.07 -1.78 42.15
C TYR B 187 -1.73 -2.14 43.49
N GLU B 188 -2.51 -3.21 43.50
CA GLU B 188 -3.26 -3.62 44.70
C GLU B 188 -2.37 -4.24 45.78
N LYS B 189 -1.17 -4.65 45.38
CA LYS B 189 -0.20 -5.25 46.29
C LYS B 189 0.48 -4.21 47.18
N HIS B 190 0.47 -2.95 46.74
CA HIS B 190 1.20 -1.89 47.45
C HIS B 190 0.32 -0.77 47.93
N LYS B 191 0.81 -0.07 48.94
CA LYS B 191 0.05 0.95 49.65
C LYS B 191 0.43 2.40 49.26
N VAL B 192 1.72 2.73 49.37
CA VAL B 192 2.17 4.12 49.32
C VAL B 192 2.73 4.44 47.94
N TYR B 193 2.12 5.41 47.25
CA TYR B 193 2.57 5.83 45.94
C TYR B 193 3.05 7.26 46.00
N ALA B 194 4.29 7.49 45.60
CA ALA B 194 4.88 8.80 45.79
C ALA B 194 5.66 9.23 44.56
N CYS B 195 5.53 10.50 44.18
CA CYS B 195 6.42 11.10 43.18
C CYS B 195 7.24 12.19 43.85
N GLU B 196 8.55 12.11 43.68
CA GLU B 196 9.46 13.06 44.29
C GLU B 196 10.01 13.94 43.18
N VAL B 197 9.89 15.25 43.37
CA VAL B 197 10.26 16.22 42.35
C VAL B 197 11.45 17.08 42.78
N THR B 198 12.46 17.12 41.93
CA THR B 198 13.64 17.96 42.10
C THR B 198 13.65 19.06 41.04
N HIS B 199 13.80 20.30 41.49
CA HIS B 199 13.82 21.44 40.57
C HIS B 199 14.61 22.59 41.17
N GLN B 200 15.25 23.38 40.29
CA GLN B 200 16.01 24.57 40.69
C GLN B 200 15.24 25.48 41.63
N GLY B 201 13.94 25.64 41.39
CA GLY B 201 13.08 26.52 42.18
C GLY B 201 12.68 25.99 43.54
N LEU B 202 13.05 24.74 43.82
CA LEU B 202 12.74 24.08 45.09
C LEU B 202 14.03 23.88 45.89
N SER B 203 14.09 24.46 47.09
CA SER B 203 15.31 24.34 47.93
C SER B 203 15.60 22.91 48.34
N SER B 204 14.54 22.13 48.55
CA SER B 204 14.64 20.69 48.76
C SER B 204 13.55 19.96 47.93
N PRO B 205 13.76 18.65 47.64
CA PRO B 205 12.75 17.90 46.87
C PRO B 205 11.35 17.94 47.49
N VAL B 206 10.33 17.91 46.65
CA VAL B 206 8.94 17.92 47.11
C VAL B 206 8.36 16.58 46.74
N THR B 207 7.67 15.94 47.68
CA THR B 207 7.06 14.65 47.42
C THR B 207 5.56 14.74 47.60
N LYS B 208 4.81 14.29 46.60
CA LYS B 208 3.38 14.12 46.74
C LYS B 208 3.06 12.64 46.74
N SER B 209 2.21 12.22 47.65
CA SER B 209 1.91 10.81 47.74
C SER B 209 0.44 10.57 48.04
N PHE B 210 0.01 9.35 47.82
CA PHE B 210 -1.29 8.87 48.30
C PHE B 210 -1.15 7.44 48.79
N ASN B 211 -2.09 7.04 49.65
CA ASN B 211 -2.22 5.64 50.04
C ASN B 211 -3.38 5.04 49.26
N ARG B 212 -3.15 3.89 48.63
CA ARG B 212 -4.17 3.25 47.82
C ARG B 212 -5.41 2.99 48.69
N GLY B 213 -6.59 3.30 48.14
CA GLY B 213 -7.86 3.05 48.83
C GLY B 213 -8.40 4.29 49.52
N VAL C 2 -14.46 -5.57 -37.94
CA VAL C 2 -13.37 -6.55 -38.18
C VAL C 2 -13.31 -7.57 -37.04
N GLU C 3 -13.62 -8.82 -37.35
CA GLU C 3 -13.75 -9.85 -36.33
C GLU C 3 -13.33 -11.23 -36.83
N LEU C 4 -12.88 -12.05 -35.88
CA LEU C 4 -12.50 -13.44 -36.14
C LEU C 4 -13.16 -14.26 -35.06
N VAL C 5 -13.90 -15.29 -35.48
CA VAL C 5 -14.62 -16.13 -34.51
C VAL C 5 -14.23 -17.60 -34.67
N GLU C 6 -13.59 -18.17 -33.65
CA GLU C 6 -13.15 -19.56 -33.68
C GLU C 6 -14.24 -20.50 -33.20
N SER C 7 -14.28 -21.68 -33.82
CA SER C 7 -15.20 -22.74 -33.39
C SER C 7 -14.57 -24.11 -33.59
N GLY C 8 -15.17 -25.14 -32.98
CA GLY C 8 -14.75 -26.51 -33.21
C GLY C 8 -13.89 -27.12 -32.12
N GLY C 9 -13.58 -26.34 -31.10
CA GLY C 9 -12.84 -26.88 -29.96
C GLY C 9 -13.68 -27.90 -29.20
N GLY C 10 -13.01 -28.65 -28.33
CA GLY C 10 -13.67 -29.69 -27.56
C GLY C 10 -12.64 -30.67 -27.07
N LEU C 11 -13.12 -31.81 -26.60
CA LEU C 11 -12.28 -32.86 -26.09
C LEU C 11 -12.07 -33.94 -27.16
N VAL C 12 -10.85 -34.44 -27.27
CA VAL C 12 -10.55 -35.56 -28.18
C VAL C 12 -9.55 -36.50 -27.47
N GLN C 13 -9.63 -37.79 -27.78
CA GLN C 13 -8.68 -38.76 -27.25
C GLN C 13 -7.33 -38.59 -27.95
N PRO C 14 -6.23 -38.94 -27.26
CA PRO C 14 -4.92 -38.98 -27.92
C PRO C 14 -4.94 -39.86 -29.16
N GLY C 15 -4.28 -39.39 -30.21
CA GLY C 15 -4.23 -40.08 -31.51
C GLY C 15 -5.36 -39.59 -32.39
N GLY C 16 -6.31 -38.88 -31.78
CA GLY C 16 -7.50 -38.43 -32.47
C GLY C 16 -7.29 -37.19 -33.32
N SER C 17 -8.34 -36.80 -34.00
CA SER C 17 -8.36 -35.70 -34.94
C SER C 17 -9.45 -34.70 -34.55
N LEU C 18 -9.20 -33.43 -34.84
CA LEU C 18 -10.16 -32.37 -34.55
C LEU C 18 -9.92 -31.28 -35.58
N ARG C 19 -11.00 -30.69 -36.08
CA ARG C 19 -10.88 -29.61 -37.05
C ARG C 19 -11.38 -28.30 -36.47
N LEU C 20 -10.51 -27.28 -36.45
CA LEU C 20 -10.92 -25.96 -36.01
C LEU C 20 -11.33 -25.08 -37.17
N SER C 21 -12.23 -24.14 -36.91
CA SER C 21 -12.63 -23.16 -37.92
C SER C 21 -12.54 -21.77 -37.34
N CYS C 22 -12.29 -20.81 -38.22
CA CYS C 22 -12.22 -19.41 -37.83
C CYS C 22 -13.00 -18.61 -38.86
N ALA C 23 -14.15 -18.09 -38.45
CA ALA C 23 -15.03 -17.29 -39.30
C ALA C 23 -14.63 -15.83 -39.25
N ALA C 24 -14.24 -15.28 -40.40
CA ALA C 24 -13.83 -13.87 -40.51
C ALA C 24 -14.94 -12.99 -41.04
N SER C 25 -15.02 -11.77 -40.51
CA SER C 25 -16.00 -10.79 -40.98
C SER C 25 -15.45 -9.38 -40.81
N GLY C 26 -16.01 -8.44 -41.56
CA GLY C 26 -15.66 -7.03 -41.43
C GLY C 26 -14.52 -6.54 -42.30
N PHE C 27 -13.93 -7.45 -43.09
CA PHE C 27 -12.78 -7.09 -43.95
C PHE C 27 -12.68 -8.05 -45.13
N THR C 28 -11.81 -7.72 -46.09
CA THR C 28 -11.56 -8.62 -47.22
C THR C 28 -10.62 -9.75 -46.82
N PHE C 29 -11.22 -10.89 -46.45
CA PHE C 29 -10.47 -12.04 -45.95
C PHE C 29 -9.34 -12.51 -46.89
N SER C 30 -9.64 -12.56 -48.19
CA SER C 30 -8.68 -13.01 -49.21
C SER C 30 -7.47 -12.08 -49.39
N SER C 31 -7.52 -10.89 -48.80
CA SER C 31 -6.39 -9.97 -48.81
C SER C 31 -5.28 -10.34 -47.80
N TYR C 32 -5.63 -11.10 -46.76
CA TYR C 32 -4.73 -11.25 -45.60
C TYR C 32 -4.19 -12.64 -45.36
N ALA C 33 -2.89 -12.72 -45.10
CA ALA C 33 -2.29 -13.91 -44.52
C ALA C 33 -2.82 -14.11 -43.11
N MET C 34 -2.82 -15.35 -42.64
CA MET C 34 -3.46 -15.72 -41.39
C MET C 34 -2.57 -16.67 -40.62
N SER C 35 -2.82 -16.79 -39.31
CA SER C 35 -2.11 -17.77 -38.52
C SER C 35 -2.97 -18.37 -37.43
N TRP C 36 -2.53 -19.52 -36.94
CA TRP C 36 -3.01 -20.08 -35.68
C TRP C 36 -1.90 -19.94 -34.66
N VAL C 37 -2.25 -19.50 -33.47
CA VAL C 37 -1.37 -19.38 -32.35
C VAL C 37 -2.05 -20.10 -31.19
N ARG C 38 -1.31 -20.83 -30.38
CA ARG C 38 -1.95 -21.50 -29.26
C ARG C 38 -1.29 -21.15 -27.94
N GLN C 39 -2.01 -21.47 -26.87
CA GLN C 39 -1.56 -21.15 -25.53
C GLN C 39 -2.06 -22.24 -24.60
N ALA C 40 -1.13 -23.09 -24.16
CA ALA C 40 -1.43 -24.10 -23.16
C ALA C 40 -1.82 -23.39 -21.87
N PRO C 41 -2.69 -24.03 -21.04
CA PRO C 41 -3.19 -23.36 -19.83
C PRO C 41 -2.03 -22.89 -18.95
N GLY C 42 -2.03 -21.59 -18.66
CA GLY C 42 -1.01 -20.98 -17.80
C GLY C 42 0.34 -20.73 -18.43
N LYS C 43 0.49 -21.05 -19.72
CA LYS C 43 1.78 -20.93 -20.42
C LYS C 43 1.75 -19.80 -21.45
N GLY C 44 2.82 -19.67 -22.21
CA GLY C 44 2.95 -18.57 -23.17
C GLY C 44 2.34 -18.83 -24.53
N LEU C 45 2.36 -17.80 -25.37
CA LEU C 45 1.91 -17.91 -26.74
C LEU C 45 2.93 -18.70 -27.58
N GLU C 46 2.41 -19.64 -28.38
CA GLU C 46 3.25 -20.44 -29.26
C GLU C 46 2.64 -20.38 -30.65
N TRP C 47 3.43 -19.97 -31.62
CA TRP C 47 2.96 -19.98 -33.01
C TRP C 47 2.82 -21.44 -33.51
N VAL C 48 1.77 -21.72 -34.29
CA VAL C 48 1.42 -23.10 -34.69
C VAL C 48 1.58 -23.27 -36.19
N SER C 49 0.91 -22.40 -36.92
CA SER C 49 0.78 -22.57 -38.35
C SER C 49 0.39 -21.26 -39.01
N ALA C 50 0.76 -21.11 -40.27
CA ALA C 50 0.45 -19.89 -41.00
C ALA C 50 0.16 -20.21 -42.45
N ILE C 51 -0.54 -19.29 -43.12
CA ILE C 51 -0.93 -19.47 -44.51
C ILE C 51 -0.94 -18.11 -45.21
N ASN C 52 -0.50 -18.07 -46.47
CA ASN C 52 -0.58 -16.81 -47.21
C ASN C 52 -2.02 -16.48 -47.60
N ALA C 53 -2.23 -15.27 -48.09
CA ALA C 53 -3.58 -14.78 -48.43
C ALA C 53 -4.33 -15.68 -49.42
N SER C 54 -3.62 -16.19 -50.41
CA SER C 54 -4.24 -16.99 -51.47
C SER C 54 -4.47 -18.44 -51.05
N GLY C 55 -3.65 -18.92 -50.12
CA GLY C 55 -3.74 -20.31 -49.66
C GLY C 55 -2.69 -21.22 -50.24
N THR C 56 -1.87 -20.68 -51.14
CA THR C 56 -0.90 -21.49 -51.89
C THR C 56 0.35 -21.90 -51.10
N ARG C 57 0.60 -21.24 -49.97
CA ARG C 57 1.79 -21.52 -49.17
C ARG C 57 1.40 -21.65 -47.71
N THR C 58 1.78 -22.77 -47.11
CA THR C 58 1.51 -23.01 -45.70
C THR C 58 2.82 -23.14 -44.90
N TYR C 59 2.76 -22.83 -43.61
CA TYR C 59 3.94 -22.83 -42.76
C TYR C 59 3.61 -23.50 -41.44
N TYR C 60 4.52 -24.31 -40.91
CA TYR C 60 4.25 -25.01 -39.65
C TYR C 60 5.37 -24.89 -38.65
N ALA C 61 5.01 -24.80 -37.38
CA ALA C 61 5.96 -24.97 -36.29
C ALA C 61 6.46 -26.42 -36.31
N ASP C 62 7.71 -26.62 -35.91
CA ASP C 62 8.28 -27.98 -35.86
C ASP C 62 7.49 -28.94 -34.97
N SER C 63 6.88 -28.43 -33.91
CA SER C 63 6.09 -29.24 -32.98
C SER C 63 4.82 -29.84 -33.61
N VAL C 64 4.34 -29.28 -34.71
CA VAL C 64 3.09 -29.75 -35.32
C VAL C 64 3.19 -30.17 -36.78
N LYS C 65 4.35 -29.94 -37.37
CA LYS C 65 4.60 -30.29 -38.78
C LYS C 65 4.28 -31.77 -39.04
N GLY C 66 3.53 -32.04 -40.11
CA GLY C 66 3.15 -33.40 -40.50
C GLY C 66 1.92 -33.94 -39.80
N ARG C 67 1.55 -33.32 -38.68
CA ARG C 67 0.34 -33.70 -37.94
C ARG C 67 -0.82 -32.74 -38.21
N PHE C 68 -0.51 -31.44 -38.31
CA PHE C 68 -1.53 -30.40 -38.49
C PHE C 68 -1.55 -29.91 -39.93
N THR C 69 -2.72 -29.49 -40.41
CA THR C 69 -2.84 -28.89 -41.72
C THR C 69 -3.67 -27.62 -41.65
N ILE C 70 -3.07 -26.51 -42.06
CA ILE C 70 -3.79 -25.23 -42.17
C ILE C 70 -4.30 -25.11 -43.59
N SER C 71 -5.51 -24.60 -43.73
CA SER C 71 -6.09 -24.37 -45.04
C SER C 71 -7.08 -23.24 -44.93
N ARG C 72 -7.51 -22.71 -46.06
CA ARG C 72 -8.48 -21.64 -46.06
C ARG C 72 -9.43 -21.77 -47.26
N ASP C 73 -10.65 -21.31 -47.09
CA ASP C 73 -11.59 -21.21 -48.20
C ASP C 73 -12.01 -19.74 -48.29
N ASN C 74 -11.42 -19.02 -49.24
CA ASN C 74 -11.63 -17.59 -49.39
C ASN C 74 -13.05 -17.19 -49.78
N SER C 75 -13.75 -18.08 -50.49
CA SER C 75 -15.17 -17.91 -50.80
C SER C 75 -16.03 -17.83 -49.54
N LYS C 76 -15.64 -18.58 -48.52
CA LYS C 76 -16.45 -18.70 -47.30
C LYS C 76 -15.91 -17.89 -46.12
N ASN C 77 -14.86 -17.10 -46.37
CA ASN C 77 -14.22 -16.29 -45.32
C ASN C 77 -13.83 -17.15 -44.10
N THR C 78 -13.27 -18.32 -44.36
CA THR C 78 -12.98 -19.23 -43.26
C THR C 78 -11.57 -19.76 -43.31
N LEU C 79 -10.96 -19.84 -42.13
CA LEU C 79 -9.63 -20.42 -41.96
C LEU C 79 -9.82 -21.76 -41.23
N TYR C 80 -9.08 -22.78 -41.62
CA TYR C 80 -9.15 -24.08 -40.94
C TYR C 80 -7.84 -24.53 -40.34
N LEU C 81 -7.93 -25.26 -39.24
CA LEU C 81 -6.81 -26.03 -38.77
C LEU C 81 -7.29 -27.46 -38.55
N GLN C 82 -6.80 -28.35 -39.39
CA GLN C 82 -7.03 -29.78 -39.22
C GLN C 82 -5.90 -30.34 -38.35
N MET C 83 -6.27 -30.89 -37.20
CA MET C 83 -5.29 -31.43 -36.27
C MET C 83 -5.43 -32.94 -36.22
N ASN C 84 -4.38 -33.65 -36.64
CA ASN C 84 -4.34 -35.10 -36.56
C ASN C 84 -3.33 -35.56 -35.52
N SER C 85 -3.39 -36.84 -35.18
CA SER C 85 -2.47 -37.46 -34.22
C SER C 85 -2.26 -36.59 -33.00
N LEU C 86 -3.36 -36.16 -32.40
CA LEU C 86 -3.28 -35.24 -31.29
C LEU C 86 -2.64 -35.89 -30.09
N ARG C 87 -1.92 -35.10 -29.32
CA ARG C 87 -1.21 -35.57 -28.16
C ARG C 87 -1.59 -34.70 -26.96
N ALA C 88 -1.35 -35.21 -25.76
CA ALA C 88 -1.73 -34.49 -24.53
C ALA C 88 -1.20 -33.06 -24.53
N GLU C 89 0.00 -32.86 -25.09
CA GLU C 89 0.63 -31.54 -25.09
C GLU C 89 0.12 -30.59 -26.17
N ASP C 90 -0.84 -31.05 -26.98
CA ASP C 90 -1.54 -30.15 -27.90
C ASP C 90 -2.71 -29.46 -27.20
N THR C 91 -2.97 -29.83 -25.95
CA THR C 91 -4.00 -29.19 -25.14
C THR C 91 -3.70 -27.70 -25.00
N ALA C 92 -4.63 -26.84 -25.43
CA ALA C 92 -4.39 -25.41 -25.45
C ALA C 92 -5.62 -24.65 -25.92
N VAL C 93 -5.63 -23.35 -25.66
CA VAL C 93 -6.53 -22.47 -26.38
C VAL C 93 -5.90 -22.09 -27.72
N TYR C 94 -6.66 -22.23 -28.80
CA TYR C 94 -6.17 -21.96 -30.13
C TYR C 94 -6.79 -20.68 -30.61
N TYR C 95 -5.93 -19.72 -30.99
CA TYR C 95 -6.37 -18.46 -31.57
C TYR C 95 -6.10 -18.40 -33.07
N CYS C 96 -7.03 -17.81 -33.82
CA CYS C 96 -6.67 -17.37 -35.17
C CYS C 96 -6.28 -15.89 -35.09
N ALA C 97 -5.35 -15.50 -35.96
CA ALA C 97 -4.80 -14.15 -35.99
C ALA C 97 -4.54 -13.70 -37.43
N ARG C 98 -4.81 -12.43 -37.68
CA ARG C 98 -4.64 -11.84 -38.99
C ARG C 98 -3.28 -11.17 -39.09
N GLY C 99 -2.53 -11.49 -40.14
CA GLY C 99 -1.25 -10.85 -40.42
C GLY C 99 -1.43 -9.48 -41.04
N LYS C 100 -0.66 -8.51 -40.55
CA LYS C 100 -0.70 -7.12 -41.04
C LYS C 100 0.70 -6.66 -41.48
N GLY C 101 0.77 -5.96 -42.62
CA GLY C 101 2.05 -5.46 -43.14
C GLY C 101 2.07 -3.95 -43.36
N TYR C 109 5.77 -7.80 -46.74
CA TYR C 109 5.54 -8.99 -45.94
C TYR C 109 4.76 -8.66 -44.67
N VAL C 110 4.15 -9.69 -44.10
CA VAL C 110 3.45 -9.54 -42.82
C VAL C 110 4.46 -9.10 -41.75
N ARG C 111 4.08 -8.10 -40.96
CA ARG C 111 4.98 -7.58 -39.93
C ARG C 111 4.56 -7.90 -38.51
N TYR C 112 3.25 -8.01 -38.28
CA TYR C 112 2.70 -8.36 -36.96
C TYR C 112 1.28 -8.94 -37.10
N PHE C 113 0.70 -9.42 -36.00
CA PHE C 113 -0.70 -9.84 -36.00
C PHE C 113 -1.54 -8.73 -35.40
N ASP C 114 -2.58 -8.30 -36.11
CA ASP C 114 -3.35 -7.14 -35.65
C ASP C 114 -4.78 -7.41 -35.19
N VAL C 115 -5.36 -8.54 -35.61
CA VAL C 115 -6.68 -8.97 -35.11
C VAL C 115 -6.62 -10.41 -34.62
N TRP C 116 -7.21 -10.66 -33.44
CA TRP C 116 -7.25 -12.01 -32.86
C TRP C 116 -8.69 -12.47 -32.62
N GLY C 117 -8.95 -13.75 -32.81
CA GLY C 117 -10.21 -14.34 -32.39
C GLY C 117 -10.24 -14.48 -30.87
N GLN C 118 -11.34 -15.02 -30.34
CA GLN C 118 -11.53 -15.14 -28.90
C GLN C 118 -10.86 -16.38 -28.33
N GLY C 119 -10.50 -17.32 -29.19
CA GLY C 119 -9.87 -18.54 -28.74
C GLY C 119 -10.85 -19.69 -28.60
N THR C 120 -10.39 -20.89 -28.92
CA THR C 120 -11.20 -22.07 -28.71
C THR C 120 -10.37 -23.12 -27.99
N LEU C 121 -10.92 -23.66 -26.90
CA LEU C 121 -10.17 -24.62 -26.07
C LEU C 121 -10.21 -26.03 -26.66
N VAL C 122 -9.02 -26.60 -26.88
CA VAL C 122 -8.89 -27.99 -27.32
C VAL C 122 -8.24 -28.80 -26.19
N THR C 123 -8.91 -29.86 -25.75
CA THR C 123 -8.37 -30.72 -24.71
C THR C 123 -8.14 -32.10 -25.29
N VAL C 124 -6.91 -32.60 -25.15
CA VAL C 124 -6.55 -33.95 -25.55
C VAL C 124 -6.30 -34.80 -24.31
N SER C 125 -7.19 -35.74 -24.05
CA SER C 125 -7.09 -36.62 -22.89
C SER C 125 -7.86 -37.91 -23.11
N SER C 126 -7.46 -38.95 -22.39
CA SER C 126 -8.21 -40.21 -22.41
C SER C 126 -9.45 -40.17 -21.51
N ALA C 127 -9.62 -39.12 -20.70
CA ALA C 127 -10.77 -39.04 -19.80
C ALA C 127 -12.03 -38.66 -20.55
N SER C 128 -13.17 -39.20 -20.10
CA SER C 128 -14.47 -38.93 -20.70
C SER C 128 -15.11 -37.69 -20.13
N THR C 129 -15.97 -37.06 -20.92
CA THR C 129 -16.77 -35.92 -20.46
C THR C 129 -17.64 -36.31 -19.25
N LYS C 130 -17.63 -35.48 -18.21
CA LYS C 130 -18.31 -35.80 -16.95
C LYS C 130 -18.66 -34.52 -16.23
N GLY C 131 -19.92 -34.41 -15.81
CA GLY C 131 -20.39 -33.26 -15.03
C GLY C 131 -19.95 -33.35 -13.59
N PRO C 132 -19.81 -32.19 -12.91
CA PRO C 132 -19.34 -32.18 -11.54
C PRO C 132 -20.41 -32.60 -10.52
N SER C 133 -19.98 -33.10 -9.37
CA SER C 133 -20.79 -33.09 -8.16
C SER C 133 -20.50 -31.79 -7.42
N VAL C 134 -21.50 -31.22 -6.78
CA VAL C 134 -21.30 -29.95 -6.07
C VAL C 134 -21.64 -30.13 -4.61
N PHE C 135 -20.64 -29.93 -3.75
CA PHE C 135 -20.81 -30.09 -2.33
C PHE C 135 -20.66 -28.77 -1.60
N PRO C 136 -21.40 -28.59 -0.49
CA PRO C 136 -21.24 -27.36 0.28
C PRO C 136 -19.96 -27.32 1.09
N LEU C 137 -19.38 -26.13 1.16
CA LEU C 137 -18.36 -25.83 2.15
C LEU C 137 -19.10 -24.94 3.12
N ALA C 138 -19.64 -25.58 4.16
CA ALA C 138 -20.58 -24.92 5.07
C ALA C 138 -19.87 -23.94 6.00
N PRO C 139 -20.48 -22.77 6.24
CA PRO C 139 -19.85 -21.82 7.15
C PRO C 139 -19.75 -22.41 8.56
N SER C 140 -18.57 -22.26 9.17
CA SER C 140 -18.25 -22.81 10.48
C SER C 140 -19.22 -22.35 11.54
N THR C 148 -16.75 -12.04 10.27
CA THR C 148 -16.73 -12.51 8.88
C THR C 148 -16.72 -14.04 8.85
N ALA C 149 -17.57 -14.61 8.00
CA ALA C 149 -17.60 -16.06 7.83
C ALA C 149 -17.27 -16.40 6.39
N ALA C 150 -16.66 -17.55 6.19
CA ALA C 150 -16.38 -18.06 4.84
C ALA C 150 -17.25 -19.25 4.57
N LEU C 151 -17.75 -19.32 3.34
CA LEU C 151 -18.48 -20.50 2.90
C LEU C 151 -18.13 -20.71 1.44
N GLY C 152 -18.59 -21.82 0.90
CA GLY C 152 -18.29 -22.07 -0.50
C GLY C 152 -18.94 -23.29 -1.09
N CYS C 153 -18.48 -23.62 -2.29
CA CYS C 153 -18.88 -24.82 -3.01
C CYS C 153 -17.67 -25.55 -3.50
N LEU C 154 -17.68 -26.86 -3.33
CA LEU C 154 -16.68 -27.72 -3.89
C LEU C 154 -17.28 -28.33 -5.14
N VAL C 155 -16.61 -28.07 -6.26
CA VAL C 155 -17.04 -28.52 -7.57
C VAL C 155 -16.10 -29.63 -8.01
N LYS C 156 -16.51 -30.88 -7.76
CA LYS C 156 -15.59 -32.00 -7.81
C LYS C 156 -15.86 -32.94 -8.97
N ASP C 157 -14.77 -33.45 -9.56
CA ASP C 157 -14.80 -34.59 -10.47
C ASP C 157 -15.52 -34.30 -11.77
N TYR C 158 -15.07 -33.28 -12.49
CA TYR C 158 -15.61 -33.00 -13.79
C TYR C 158 -14.52 -33.03 -14.85
N PHE C 159 -14.94 -33.12 -16.10
CA PHE C 159 -14.02 -33.13 -17.24
C PHE C 159 -14.79 -32.86 -18.53
N PRO C 160 -14.22 -32.08 -19.46
CA PRO C 160 -13.00 -31.26 -19.34
C PRO C 160 -13.32 -29.89 -18.75
N GLU C 161 -12.33 -29.00 -18.76
CA GLU C 161 -12.55 -27.60 -18.47
C GLU C 161 -13.43 -27.05 -19.57
N PRO C 162 -14.14 -25.94 -19.31
CA PRO C 162 -14.18 -25.14 -18.08
C PRO C 162 -15.51 -25.29 -17.33
N VAL C 163 -15.52 -24.90 -16.05
CA VAL C 163 -16.77 -24.69 -15.31
C VAL C 163 -16.83 -23.23 -14.92
N THR C 164 -18.03 -22.67 -14.86
CA THR C 164 -18.15 -21.34 -14.31
C THR C 164 -18.92 -21.44 -13.00
N VAL C 165 -18.64 -20.51 -12.09
CA VAL C 165 -19.36 -20.40 -10.83
C VAL C 165 -19.74 -18.95 -10.61
N SER C 166 -20.99 -18.73 -10.24
CA SER C 166 -21.40 -17.43 -9.76
C SER C 166 -22.10 -17.68 -8.44
N TRP C 167 -22.32 -16.60 -7.70
CA TRP C 167 -23.08 -16.68 -6.45
C TRP C 167 -24.33 -15.83 -6.55
N ASN C 168 -25.43 -16.40 -6.09
CA ASN C 168 -26.74 -15.74 -6.11
C ASN C 168 -27.09 -15.18 -7.46
N SER C 169 -26.84 -16.00 -8.47
CA SER C 169 -27.15 -15.67 -9.87
C SER C 169 -26.43 -14.41 -10.35
N GLY C 170 -25.29 -14.11 -9.76
CA GLY C 170 -24.49 -12.95 -10.15
C GLY C 170 -24.64 -11.74 -9.26
N ALA C 171 -25.60 -11.79 -8.33
CA ALA C 171 -25.84 -10.67 -7.42
C ALA C 171 -24.74 -10.54 -6.39
N LEU C 172 -24.08 -11.66 -6.09
CA LEU C 172 -23.04 -11.68 -5.07
C LEU C 172 -21.68 -11.83 -5.73
N THR C 173 -20.90 -10.77 -5.70
CA THR C 173 -19.55 -10.77 -6.27
C THR C 173 -18.47 -10.36 -5.26
N SER C 174 -18.83 -9.51 -4.31
CA SER C 174 -17.86 -9.02 -3.36
C SER C 174 -17.34 -10.17 -2.50
N GLY C 175 -16.02 -10.30 -2.43
CA GLY C 175 -15.39 -11.34 -1.59
C GLY C 175 -15.44 -12.75 -2.13
N VAL C 176 -15.86 -12.91 -3.39
CA VAL C 176 -15.86 -14.21 -4.06
C VAL C 176 -14.46 -14.53 -4.58
N HIS C 177 -14.00 -15.75 -4.31
CA HIS C 177 -12.78 -16.28 -4.96
C HIS C 177 -13.13 -17.64 -5.54
N THR C 178 -12.97 -17.74 -6.86
CA THR C 178 -13.17 -19.02 -7.52
C THR C 178 -11.79 -19.47 -7.97
N PHE C 179 -11.35 -20.61 -7.45
CA PHE C 179 -9.97 -21.02 -7.66
C PHE C 179 -9.77 -21.69 -9.00
N PRO C 180 -8.53 -21.63 -9.52
CA PRO C 180 -8.22 -22.43 -10.70
C PRO C 180 -8.45 -23.91 -10.40
N ALA C 181 -8.96 -24.64 -11.40
CA ALA C 181 -9.18 -26.06 -11.22
C ALA C 181 -7.84 -26.79 -11.09
N VAL C 182 -7.82 -27.86 -10.30
CA VAL C 182 -6.67 -28.76 -10.28
C VAL C 182 -7.03 -30.12 -10.83
N LEU C 183 -6.12 -30.65 -11.61
CA LEU C 183 -6.29 -31.98 -12.16
C LEU C 183 -5.90 -33.00 -11.10
N GLN C 184 -6.86 -33.83 -10.72
CA GLN C 184 -6.68 -34.83 -9.69
C GLN C 184 -5.96 -36.04 -10.27
N SER C 185 -5.41 -36.88 -9.39
CA SER C 185 -4.71 -38.09 -9.79
C SER C 185 -5.65 -39.07 -10.50
N SER C 186 -6.96 -38.87 -10.31
CA SER C 186 -7.99 -39.62 -11.01
C SER C 186 -8.14 -39.20 -12.47
N GLY C 187 -7.55 -38.08 -12.84
CA GLY C 187 -7.72 -37.52 -14.18
C GLY C 187 -8.91 -36.57 -14.31
N LEU C 188 -9.61 -36.31 -13.21
CA LEU C 188 -10.72 -35.36 -13.26
C LEU C 188 -10.37 -34.06 -12.52
N TYR C 189 -10.97 -32.97 -12.96
CA TYR C 189 -10.77 -31.68 -12.29
C TYR C 189 -11.63 -31.52 -11.05
N SER C 190 -11.15 -30.65 -10.17
CA SER C 190 -11.90 -30.23 -9.00
C SER C 190 -11.52 -28.78 -8.76
N LEU C 191 -12.49 -27.99 -8.29
CA LEU C 191 -12.18 -26.65 -7.87
C LEU C 191 -13.15 -26.22 -6.80
N SER C 192 -12.75 -25.19 -6.07
CA SER C 192 -13.60 -24.62 -5.05
C SER C 192 -13.88 -23.17 -5.40
N SER C 193 -15.05 -22.71 -4.98
CA SER C 193 -15.40 -21.29 -5.02
C SER C 193 -15.86 -20.92 -3.61
N VAL C 194 -15.30 -19.85 -3.08
CA VAL C 194 -15.62 -19.44 -1.74
C VAL C 194 -16.05 -17.97 -1.74
N VAL C 195 -16.74 -17.58 -0.69
CA VAL C 195 -17.08 -16.20 -0.49
C VAL C 195 -17.00 -15.92 1.01
N THR C 196 -16.52 -14.74 1.36
CA THR C 196 -16.60 -14.32 2.74
C THR C 196 -17.76 -13.35 2.93
N VAL C 197 -18.57 -13.60 3.95
CA VAL C 197 -19.79 -12.83 4.18
C VAL C 197 -19.88 -12.45 5.65
N PRO C 198 -20.70 -11.45 6.00
CA PRO C 198 -20.92 -11.15 7.42
C PRO C 198 -21.55 -12.35 8.13
N SER C 199 -20.97 -12.75 9.25
CA SER C 199 -21.51 -13.88 9.99
C SER C 199 -22.94 -13.61 10.49
N SER C 200 -23.31 -12.34 10.62
CA SER C 200 -24.67 -11.99 11.05
C SER C 200 -25.74 -12.35 10.01
N SER C 201 -25.33 -12.47 8.75
CA SER C 201 -26.24 -12.82 7.66
C SER C 201 -26.52 -14.33 7.59
N LEU C 202 -25.72 -15.13 8.29
CA LEU C 202 -25.81 -16.58 8.20
C LEU C 202 -27.16 -17.08 8.69
N GLY C 203 -27.83 -17.88 7.86
CA GLY C 203 -29.14 -18.43 8.22
C GLY C 203 -30.29 -17.48 7.93
N THR C 204 -29.95 -16.23 7.60
CA THR C 204 -30.92 -15.24 7.11
C THR C 204 -30.79 -15.07 5.59
N GLN C 205 -29.63 -14.58 5.15
CA GLN C 205 -29.34 -14.45 3.73
C GLN C 205 -29.05 -15.82 3.10
N THR C 206 -29.72 -16.08 1.99
CA THR C 206 -29.51 -17.31 1.22
C THR C 206 -28.29 -17.15 0.32
N TYR C 207 -27.45 -18.18 0.34
CA TYR C 207 -26.27 -18.23 -0.53
C TYR C 207 -26.35 -19.46 -1.42
N ILE C 208 -26.37 -19.21 -2.72
CA ILE C 208 -26.49 -20.26 -3.71
C ILE C 208 -25.31 -20.13 -4.66
N CYS C 209 -24.58 -21.22 -4.84
CA CYS C 209 -23.55 -21.23 -5.87
C CYS C 209 -24.13 -21.81 -7.16
N ASN C 210 -23.95 -21.07 -8.25
CA ASN C 210 -24.49 -21.46 -9.56
C ASN C 210 -23.34 -21.99 -10.39
N VAL C 211 -23.40 -23.28 -10.70
CA VAL C 211 -22.33 -23.97 -11.37
C VAL C 211 -22.82 -24.38 -12.75
N ASN C 212 -21.99 -24.13 -13.74
CA ASN C 212 -22.33 -24.46 -15.12
C ASN C 212 -21.14 -25.13 -15.76
N HIS C 213 -21.29 -26.40 -16.13
CA HIS C 213 -20.30 -27.15 -16.86
C HIS C 213 -20.86 -27.42 -18.26
N LYS C 214 -20.59 -26.48 -19.16
CA LYS C 214 -21.16 -26.54 -20.51
C LYS C 214 -20.78 -27.79 -21.30
N PRO C 215 -19.55 -28.30 -21.15
CA PRO C 215 -19.20 -29.51 -21.91
C PRO C 215 -20.09 -30.73 -21.64
N SER C 216 -20.65 -30.84 -20.44
CA SER C 216 -21.53 -31.96 -20.11
C SER C 216 -23.00 -31.55 -19.97
N ASN C 217 -23.31 -30.30 -20.32
CA ASN C 217 -24.66 -29.73 -20.13
C ASN C 217 -25.20 -29.88 -18.70
N THR C 218 -24.30 -29.71 -17.74
CA THR C 218 -24.62 -29.84 -16.32
C THR C 218 -24.66 -28.45 -15.67
N LYS C 219 -25.84 -28.09 -15.16
CA LYS C 219 -26.02 -26.89 -14.37
C LYS C 219 -26.59 -27.27 -13.02
N VAL C 220 -26.04 -26.70 -11.96
CA VAL C 220 -26.46 -26.97 -10.58
C VAL C 220 -26.48 -25.65 -9.84
N ASP C 221 -27.56 -25.41 -9.08
CA ASP C 221 -27.65 -24.32 -8.12
C ASP C 221 -27.65 -24.98 -6.74
N LYS C 222 -26.59 -24.76 -5.96
CA LYS C 222 -26.47 -25.37 -4.65
C LYS C 222 -26.60 -24.36 -3.51
N LYS C 223 -27.62 -24.52 -2.67
CA LYS C 223 -27.73 -23.66 -1.50
C LYS C 223 -26.71 -24.11 -0.45
N VAL C 224 -25.99 -23.15 0.12
CA VAL C 224 -24.96 -23.48 1.10
C VAL C 224 -25.37 -22.83 2.41
N GLU C 225 -25.63 -23.67 3.42
CA GLU C 225 -26.09 -23.18 4.70
C GLU C 225 -25.30 -23.77 5.88
N PRO C 226 -25.41 -23.14 7.06
CA PRO C 226 -24.79 -23.72 8.26
C PRO C 226 -25.31 -25.14 8.53
N LYS C 227 -24.43 -26.04 8.95
CA LYS C 227 -24.82 -27.41 9.25
C LYS C 227 -25.53 -27.46 10.61
N ASP D 1 16.41 -20.68 -35.84
CA ASP D 1 15.29 -20.13 -35.03
C ASP D 1 15.74 -18.85 -34.33
N ILE D 2 14.98 -17.77 -34.55
CA ILE D 2 15.18 -16.54 -33.80
C ILE D 2 14.50 -16.70 -32.44
N VAL D 3 15.31 -16.74 -31.39
CA VAL D 3 14.81 -16.90 -30.02
C VAL D 3 14.67 -15.51 -29.41
N LEU D 4 13.49 -15.22 -28.87
CA LEU D 4 13.25 -13.98 -28.15
C LEU D 4 13.28 -14.26 -26.65
N THR D 5 14.21 -13.62 -25.96
CA THR D 5 14.35 -13.80 -24.52
C THR D 5 13.84 -12.57 -23.79
N GLN D 6 12.73 -12.73 -23.07
CA GLN D 6 12.18 -11.61 -22.31
C GLN D 6 12.69 -11.64 -20.88
N SER D 7 13.06 -10.46 -20.38
CA SER D 7 13.55 -10.31 -19.02
C SER D 7 13.06 -9.00 -18.45
N PRO D 8 12.78 -8.98 -17.13
CA PRO D 8 12.77 -10.18 -16.29
C PRO D 8 11.50 -10.98 -16.53
N ALA D 9 11.42 -12.18 -15.97
CA ALA D 9 10.24 -13.04 -16.10
C ALA D 9 9.01 -12.43 -15.41
N THR D 10 9.25 -11.79 -14.27
CA THR D 10 8.19 -11.17 -13.47
C THR D 10 8.69 -9.81 -13.00
N LEU D 11 7.78 -8.85 -12.93
CA LEU D 11 8.04 -7.54 -12.32
C LEU D 11 6.96 -7.24 -11.28
N SER D 12 7.40 -6.87 -10.08
CA SER D 12 6.47 -6.49 -9.03
C SER D 12 6.68 -5.01 -8.76
N LEU D 13 5.68 -4.20 -9.09
CA LEU D 13 5.84 -2.76 -9.04
C LEU D 13 4.61 -2.10 -8.46
N SER D 14 4.77 -0.90 -7.93
CA SER D 14 3.67 -0.15 -7.36
C SER D 14 3.04 0.70 -8.45
N PRO D 15 1.72 1.01 -8.32
CA PRO D 15 1.11 1.98 -9.23
C PRO D 15 1.91 3.28 -9.33
N GLY D 16 1.99 3.83 -10.54
CA GLY D 16 2.75 5.04 -10.80
C GLY D 16 4.21 4.81 -11.16
N GLU D 17 4.74 3.61 -10.86
CA GLU D 17 6.15 3.34 -11.15
C GLU D 17 6.39 3.03 -12.64
N ARG D 18 7.64 3.18 -13.05
CA ARG D 18 8.03 2.93 -14.43
C ARG D 18 8.32 1.45 -14.61
N ALA D 19 7.79 0.86 -15.67
CA ALA D 19 8.06 -0.53 -16.01
C ALA D 19 8.88 -0.58 -17.29
N THR D 20 9.99 -1.32 -17.23
CA THR D 20 10.90 -1.47 -18.37
C THR D 20 11.09 -2.96 -18.67
N LEU D 21 10.61 -3.36 -19.83
CA LEU D 21 10.59 -4.76 -20.23
C LEU D 21 11.51 -4.97 -21.43
N SER D 22 12.34 -6.01 -21.36
CA SER D 22 13.35 -6.27 -22.37
C SER D 22 12.96 -7.45 -23.23
N CYS D 23 13.28 -7.36 -24.51
CA CYS D 23 13.15 -8.48 -25.40
C CYS D 23 14.46 -8.53 -26.19
N ARG D 24 15.25 -9.56 -25.93
CA ARG D 24 16.53 -9.76 -26.61
C ARG D 24 16.39 -10.90 -27.61
N ALA D 25 16.74 -10.61 -28.86
CA ALA D 25 16.67 -11.60 -29.92
C ALA D 25 18.03 -12.28 -30.09
N SER D 26 18.01 -13.55 -30.45
CA SER D 26 19.25 -14.33 -30.64
C SER D 26 20.06 -13.90 -31.88
N GLN D 27 19.41 -13.19 -32.81
CA GLN D 27 20.11 -12.57 -33.92
C GLN D 27 19.33 -11.33 -34.29
N SER D 28 19.93 -10.47 -35.11
CA SER D 28 19.29 -9.22 -35.53
C SER D 28 17.94 -9.44 -36.22
N VAL D 29 16.99 -8.60 -35.82
CA VAL D 29 15.64 -8.62 -36.33
C VAL D 29 15.36 -7.21 -36.82
N SER D 30 14.92 -7.06 -38.08
CA SER D 30 14.41 -5.74 -38.51
C SER D 30 13.35 -5.24 -37.51
N SER D 31 13.53 -4.01 -37.04
CA SER D 31 12.61 -3.41 -36.09
C SER D 31 11.16 -3.30 -36.61
N SER D 32 10.96 -3.28 -37.93
CA SER D 32 9.62 -3.29 -38.54
C SER D 32 8.80 -4.54 -38.18
N TYR D 33 9.48 -5.61 -37.77
CA TYR D 33 8.87 -6.94 -37.55
C TYR D 33 8.80 -7.37 -36.09
N LEU D 34 9.03 -6.45 -35.17
CA LEU D 34 9.02 -6.74 -33.74
C LEU D 34 7.84 -6.02 -33.09
N ALA D 35 6.96 -6.79 -32.44
CA ALA D 35 5.73 -6.21 -31.88
C ALA D 35 5.57 -6.62 -30.43
N TRP D 36 4.78 -5.85 -29.68
CA TRP D 36 4.48 -6.14 -28.29
C TRP D 36 2.99 -6.32 -28.10
N TYR D 37 2.63 -7.32 -27.30
CA TYR D 37 1.23 -7.64 -26.96
C TYR D 37 1.03 -7.63 -25.47
N GLN D 38 -0.17 -7.22 -25.05
CA GLN D 38 -0.58 -7.28 -23.66
C GLN D 38 -1.62 -8.40 -23.59
N GLN D 39 -1.57 -9.20 -22.54
CA GLN D 39 -2.63 -10.18 -22.33
C GLN D 39 -3.03 -10.26 -20.86
N LYS D 40 -4.34 -10.24 -20.63
CA LYS D 40 -4.96 -10.37 -19.32
C LYS D 40 -5.68 -11.72 -19.26
N PRO D 41 -5.77 -12.34 -18.07
CA PRO D 41 -6.45 -13.64 -17.94
C PRO D 41 -7.80 -13.73 -18.64
N GLY D 42 -8.01 -14.83 -19.37
CA GLY D 42 -9.26 -15.08 -20.08
C GLY D 42 -9.45 -14.28 -21.36
N GLN D 43 -8.44 -13.51 -21.74
CA GLN D 43 -8.55 -12.66 -22.91
C GLN D 43 -7.51 -12.99 -23.95
N ALA D 44 -7.84 -12.71 -25.20
CA ALA D 44 -6.91 -12.77 -26.31
C ALA D 44 -5.85 -11.67 -26.14
N PRO D 45 -4.64 -11.89 -26.69
CA PRO D 45 -3.60 -10.87 -26.74
C PRO D 45 -4.10 -9.61 -27.44
N ARG D 46 -3.64 -8.46 -26.96
CA ARG D 46 -3.96 -7.18 -27.57
C ARG D 46 -2.66 -6.55 -28.04
N LEU D 47 -2.64 -6.16 -29.31
CA LEU D 47 -1.49 -5.44 -29.88
C LEU D 47 -1.29 -4.08 -29.21
N LEU D 48 -0.05 -3.82 -28.78
CA LEU D 48 0.29 -2.56 -28.15
C LEU D 48 1.16 -1.71 -29.04
N ILE D 49 2.22 -2.33 -29.53
CA ILE D 49 3.26 -1.64 -30.26
C ILE D 49 3.61 -2.52 -31.44
N TYR D 50 3.64 -1.95 -32.64
CA TYR D 50 4.14 -2.66 -33.81
C TYR D 50 5.36 -1.95 -34.39
N GLY D 51 6.20 -2.68 -35.10
CA GLY D 51 7.39 -2.07 -35.70
C GLY D 51 8.30 -1.45 -34.67
N ALA D 52 8.47 -2.15 -33.55
CA ALA D 52 9.28 -1.72 -32.41
C ALA D 52 8.80 -0.48 -31.64
N SER D 53 8.25 0.52 -32.31
CA SER D 53 8.04 1.84 -31.69
C SER D 53 6.68 2.49 -31.96
N SER D 54 5.85 1.90 -32.80
CA SER D 54 4.57 2.51 -33.18
C SER D 54 3.43 2.00 -32.31
N ARG D 55 2.68 2.93 -31.74
CA ARG D 55 1.52 2.58 -30.90
C ARG D 55 0.36 2.18 -31.78
N ALA D 56 -0.26 1.05 -31.43
CA ALA D 56 -1.50 0.63 -32.08
C ALA D 56 -2.59 1.63 -31.71
N THR D 57 -3.58 1.79 -32.59
CA THR D 57 -4.68 2.72 -32.34
C THR D 57 -5.43 2.35 -31.05
N GLY D 58 -5.61 3.33 -30.16
CA GLY D 58 -6.26 3.09 -28.87
C GLY D 58 -5.31 2.91 -27.68
N VAL D 59 -4.03 2.69 -27.96
CA VAL D 59 -3.02 2.50 -26.92
C VAL D 59 -2.54 3.86 -26.35
N PRO D 60 -2.62 4.06 -25.02
CA PRO D 60 -2.19 5.29 -24.35
C PRO D 60 -0.71 5.64 -24.51
N ALA D 61 -0.39 6.93 -24.44
CA ALA D 61 0.97 7.42 -24.67
C ALA D 61 1.99 6.92 -23.66
N ARG D 62 1.51 6.39 -22.54
CA ARG D 62 2.42 5.91 -21.50
C ARG D 62 3.17 4.64 -21.92
N PHE D 63 2.67 3.97 -22.95
CA PHE D 63 3.35 2.82 -23.54
C PHE D 63 4.27 3.30 -24.65
N SER D 64 5.52 2.93 -24.56
CA SER D 64 6.43 3.22 -25.67
C SER D 64 7.40 2.07 -25.91
N GLY D 65 7.72 1.85 -27.17
CA GLY D 65 8.62 0.79 -27.54
C GLY D 65 9.82 1.41 -28.21
N SER D 66 10.97 0.80 -28.02
CA SER D 66 12.19 1.27 -28.68
C SER D 66 13.13 0.10 -28.92
N GLY D 67 14.25 0.39 -29.58
CA GLY D 67 15.31 -0.59 -29.74
C GLY D 67 15.49 -1.01 -31.19
N SER D 68 16.55 -1.78 -31.42
CA SER D 68 16.92 -2.20 -32.76
C SER D 68 17.91 -3.35 -32.62
N GLY D 69 18.19 -4.02 -33.74
CA GLY D 69 19.17 -5.07 -33.79
C GLY D 69 18.69 -6.27 -32.99
N THR D 70 19.26 -6.46 -31.81
CA THR D 70 18.91 -7.59 -30.96
C THR D 70 18.23 -7.17 -29.66
N ASP D 71 18.16 -5.87 -29.39
CA ASP D 71 17.75 -5.40 -28.10
C ASP D 71 16.54 -4.46 -28.18
N PHE D 72 15.40 -4.94 -27.67
CA PHE D 72 14.14 -4.19 -27.76
C PHE D 72 13.55 -3.97 -26.38
N THR D 73 12.86 -2.84 -26.20
CA THR D 73 12.39 -2.42 -24.92
C THR D 73 10.96 -1.92 -24.99
N LEU D 74 10.16 -2.32 -24.02
CA LEU D 74 8.86 -1.74 -23.85
C LEU D 74 8.90 -0.99 -22.52
N THR D 75 8.50 0.27 -22.58
CA THR D 75 8.48 1.11 -21.40
C THR D 75 7.06 1.55 -21.12
N ILE D 76 6.63 1.34 -19.87
CA ILE D 76 5.42 1.94 -19.37
C ILE D 76 5.90 3.02 -18.39
N SER D 77 5.69 4.27 -18.76
CA SER D 77 6.27 5.41 -18.03
C SER D 77 5.76 5.49 -16.59
N SER D 78 4.45 5.32 -16.42
CA SER D 78 3.80 5.35 -15.12
C SER D 78 2.64 4.34 -15.14
N LEU D 79 2.80 3.25 -14.38
CA LEU D 79 1.85 2.14 -14.37
C LEU D 79 0.48 2.53 -13.84
N GLU D 80 -0.56 2.16 -14.58
CA GLU D 80 -1.94 2.32 -14.15
C GLU D 80 -2.47 0.94 -13.73
N PRO D 81 -3.53 0.90 -12.88
CA PRO D 81 -4.09 -0.39 -12.47
C PRO D 81 -4.35 -1.35 -13.64
N GLU D 82 -4.91 -0.85 -14.74
CA GLU D 82 -5.22 -1.68 -15.91
C GLU D 82 -3.99 -2.19 -16.69
N ASP D 83 -2.79 -1.77 -16.31
CA ASP D 83 -1.58 -2.15 -17.02
C ASP D 83 -0.96 -3.42 -16.45
N PHE D 84 -1.50 -3.91 -15.34
CA PHE D 84 -0.93 -5.10 -14.74
C PHE D 84 -1.47 -6.30 -15.50
N ALA D 85 -0.54 -7.02 -16.13
CA ALA D 85 -0.86 -7.96 -17.19
C ALA D 85 0.42 -8.67 -17.60
N THR D 86 0.33 -9.60 -18.55
CA THR D 86 1.53 -10.23 -19.09
C THR D 86 1.80 -9.61 -20.46
N TYR D 87 3.06 -9.40 -20.80
CA TYR D 87 3.45 -8.74 -22.05
C TYR D 87 4.36 -9.67 -22.86
N TYR D 88 4.05 -9.85 -24.15
CA TYR D 88 4.82 -10.72 -25.02
C TYR D 88 5.36 -9.93 -26.18
N CYS D 89 6.60 -10.22 -26.52
CA CYS D 89 7.16 -9.71 -27.75
C CYS D 89 7.01 -10.79 -28.83
N LEU D 90 6.93 -10.34 -30.08
CA LEU D 90 6.73 -11.22 -31.21
C LEU D 90 7.60 -10.76 -32.37
N GLN D 91 8.19 -11.73 -33.08
CA GLN D 91 8.89 -11.42 -34.33
C GLN D 91 8.29 -12.22 -35.47
N ILE D 92 8.06 -11.55 -36.59
CA ILE D 92 7.61 -12.22 -37.81
C ILE D 92 8.63 -11.94 -38.94
N TYR D 93 9.86 -11.63 -38.52
CA TYR D 93 10.97 -11.37 -39.45
C TYR D 93 11.41 -12.59 -40.23
N ASN D 94 11.42 -13.75 -39.58
CA ASN D 94 11.76 -14.99 -40.29
C ASN D 94 11.05 -16.19 -39.66
N MET D 95 10.67 -17.14 -40.50
CA MET D 95 10.08 -18.40 -40.03
C MET D 95 11.15 -19.23 -39.34
N PRO D 96 10.80 -19.92 -38.23
CA PRO D 96 9.48 -19.89 -37.60
C PRO D 96 9.20 -18.60 -36.82
N ILE D 97 7.95 -18.15 -36.90
CA ILE D 97 7.47 -17.04 -36.11
C ILE D 97 7.69 -17.45 -34.65
N THR D 98 8.23 -16.54 -33.85
CA THR D 98 8.49 -16.83 -32.43
C THR D 98 8.02 -15.71 -31.51
N PHE D 99 7.61 -16.08 -30.30
CA PHE D 99 7.23 -15.12 -29.25
C PHE D 99 8.26 -15.25 -28.14
N GLY D 100 8.48 -14.15 -27.40
CA GLY D 100 9.16 -14.26 -26.12
C GLY D 100 8.27 -15.03 -25.16
N GLN D 101 8.84 -15.47 -24.04
CA GLN D 101 8.06 -16.26 -23.09
C GLN D 101 7.23 -15.43 -22.12
N GLY D 102 7.29 -14.11 -22.26
CA GLY D 102 6.43 -13.22 -21.50
C GLY D 102 7.04 -12.62 -20.24
N THR D 103 6.60 -11.42 -19.91
CA THR D 103 6.92 -10.82 -18.62
C THR D 103 5.57 -10.51 -17.96
N LYS D 104 5.37 -11.02 -16.76
CA LYS D 104 4.15 -10.76 -16.01
C LYS D 104 4.39 -9.61 -15.02
N VAL D 105 3.61 -8.56 -15.16
CA VAL D 105 3.76 -7.37 -14.34
C VAL D 105 2.68 -7.46 -13.27
N GLU D 106 3.13 -7.58 -12.02
CA GLU D 106 2.24 -7.75 -10.86
C GLU D 106 2.31 -6.54 -9.92
N ILE D 107 1.26 -6.36 -9.11
CA ILE D 107 1.14 -5.23 -8.19
C ILE D 107 1.91 -5.52 -6.90
N LYS D 108 2.80 -4.59 -6.54
CA LYS D 108 3.46 -4.63 -5.24
C LYS D 108 2.53 -3.97 -4.22
N ARG D 109 2.30 -4.63 -3.10
CA ARG D 109 1.50 -4.08 -2.01
C ARG D 109 2.12 -4.51 -0.68
N THR D 110 1.49 -4.16 0.44
CA THR D 110 2.04 -4.50 1.77
C THR D 110 1.80 -5.96 2.14
N VAL D 111 2.59 -6.47 3.07
CA VAL D 111 2.41 -7.83 3.60
C VAL D 111 1.03 -7.92 4.23
N ALA D 112 0.31 -9.02 3.94
CA ALA D 112 -1.00 -9.27 4.56
C ALA D 112 -1.11 -10.74 4.94
N ALA D 113 -1.40 -11.00 6.21
CA ALA D 113 -1.54 -12.37 6.69
C ALA D 113 -2.84 -13.00 6.16
N PRO D 114 -2.83 -14.31 5.88
CA PRO D 114 -4.05 -14.98 5.44
C PRO D 114 -5.06 -15.10 6.57
N SER D 115 -6.35 -15.00 6.24
CA SER D 115 -7.40 -15.47 7.16
C SER D 115 -7.65 -16.92 6.77
N VAL D 116 -7.58 -17.82 7.75
CA VAL D 116 -7.59 -19.24 7.49
C VAL D 116 -8.93 -19.87 7.94
N PHE D 117 -9.48 -20.76 7.12
CA PHE D 117 -10.75 -21.46 7.39
C PHE D 117 -10.58 -22.91 6.99
N ILE D 118 -11.13 -23.81 7.81
CA ILE D 118 -11.11 -25.24 7.49
C ILE D 118 -12.55 -25.73 7.33
N PHE D 119 -12.75 -26.61 6.36
CA PHE D 119 -14.09 -27.11 6.04
C PHE D 119 -14.07 -28.63 6.07
N PRO D 120 -14.90 -29.25 6.92
CA PRO D 120 -15.05 -30.70 6.86
C PRO D 120 -15.73 -31.14 5.58
N PRO D 121 -15.63 -32.43 5.26
CA PRO D 121 -16.44 -32.94 4.16
C PRO D 121 -17.91 -32.91 4.55
N SER D 122 -18.77 -32.70 3.56
CA SER D 122 -20.21 -32.72 3.80
C SER D 122 -20.72 -34.16 3.91
N ASP D 123 -21.82 -34.36 4.63
CA ASP D 123 -22.47 -35.67 4.70
C ASP D 123 -22.82 -36.20 3.31
N GLU D 124 -23.25 -35.30 2.43
CA GLU D 124 -23.53 -35.67 1.04
C GLU D 124 -22.35 -36.34 0.36
N GLN D 125 -21.17 -35.73 0.46
CA GLN D 125 -19.99 -36.32 -0.17
C GLN D 125 -19.63 -37.67 0.45
N LEU D 126 -19.79 -37.79 1.76
CA LEU D 126 -19.45 -39.03 2.46
C LEU D 126 -20.25 -40.24 1.97
N LYS D 127 -21.50 -40.01 1.54
CA LYS D 127 -22.32 -41.05 0.89
C LYS D 127 -21.65 -41.64 -0.37
N SER D 128 -20.78 -40.86 -1.01
CA SER D 128 -20.08 -41.30 -2.23
C SER D 128 -18.78 -42.07 -1.95
N GLY D 129 -18.36 -42.11 -0.68
CA GLY D 129 -17.20 -42.90 -0.27
C GLY D 129 -15.86 -42.18 -0.24
N THR D 130 -15.86 -40.90 -0.64
CA THR D 130 -14.67 -40.05 -0.61
C THR D 130 -14.94 -38.86 0.31
N ALA D 131 -13.89 -38.37 0.97
CA ALA D 131 -13.98 -37.18 1.79
C ALA D 131 -12.96 -36.16 1.30
N SER D 132 -13.41 -34.93 1.10
CA SER D 132 -12.52 -33.81 0.80
C SER D 132 -12.52 -32.88 2.00
N VAL D 133 -11.33 -32.60 2.54
CA VAL D 133 -11.17 -31.59 3.57
C VAL D 133 -10.54 -30.36 2.94
N VAL D 134 -11.14 -29.19 3.15
CA VAL D 134 -10.66 -27.97 2.48
C VAL D 134 -10.12 -26.94 3.47
N CYS D 135 -8.93 -26.44 3.18
CA CYS D 135 -8.32 -25.35 3.96
C CYS D 135 -8.21 -24.15 3.04
N LEU D 136 -8.78 -23.04 3.48
CA LEU D 136 -8.78 -21.79 2.75
C LEU D 136 -7.87 -20.77 3.46
N LEU D 137 -6.97 -20.19 2.67
CA LEU D 137 -6.12 -19.08 3.10
C LEU D 137 -6.60 -17.91 2.28
N ASN D 138 -7.19 -16.93 2.95
CA ASN D 138 -7.86 -15.86 2.24
C ASN D 138 -7.14 -14.53 2.34
N ASN D 139 -7.03 -13.85 1.19
CA ASN D 139 -6.54 -12.45 1.10
C ASN D 139 -5.17 -12.18 1.74
N PHE D 140 -4.13 -12.81 1.22
CA PHE D 140 -2.80 -12.66 1.76
C PHE D 140 -1.81 -12.15 0.70
N TYR D 141 -0.64 -11.75 1.18
CA TYR D 141 0.42 -11.21 0.35
C TYR D 141 1.70 -11.20 1.17
N PRO D 142 2.82 -11.68 0.61
CA PRO D 142 3.07 -12.15 -0.76
C PRO D 142 2.51 -13.54 -1.03
N ARG D 143 2.70 -14.01 -2.25
CA ARG D 143 2.05 -15.24 -2.73
C ARG D 143 2.51 -16.48 -1.98
N GLU D 144 3.76 -16.46 -1.50
CA GLU D 144 4.39 -17.62 -0.91
C GLU D 144 3.72 -17.97 0.42
N ALA D 145 3.29 -19.23 0.54
CA ALA D 145 2.61 -19.70 1.74
C ALA D 145 2.75 -21.19 1.81
N LYS D 146 2.86 -21.72 3.03
CA LYS D 146 2.94 -23.17 3.21
C LYS D 146 1.76 -23.63 4.02
N VAL D 147 1.19 -24.74 3.59
CA VAL D 147 0.08 -25.39 4.28
C VAL D 147 0.53 -26.79 4.62
N GLN D 148 0.39 -27.18 5.88
CA GLN D 148 0.65 -28.55 6.27
C GLN D 148 -0.61 -29.16 6.88
N TRP D 149 -0.99 -30.32 6.39
CA TRP D 149 -2.17 -31.04 6.90
C TRP D 149 -1.77 -32.08 7.93
N LYS D 150 -2.52 -32.18 9.03
CA LYS D 150 -2.33 -33.24 10.02
C LYS D 150 -3.68 -33.86 10.35
N VAL D 151 -3.69 -35.19 10.46
CA VAL D 151 -4.89 -35.93 10.81
C VAL D 151 -4.49 -36.78 12.01
N ASP D 152 -5.11 -36.53 13.17
CA ASP D 152 -4.62 -37.06 14.47
C ASP D 152 -3.09 -37.00 14.61
N ASN D 153 -2.54 -35.82 14.35
CA ASN D 153 -1.12 -35.54 14.43
C ASN D 153 -0.24 -36.21 13.37
N ALA D 154 -0.84 -36.96 12.44
CA ALA D 154 -0.06 -37.55 11.35
C ALA D 154 0.08 -36.53 10.21
N LEU D 155 1.32 -36.19 9.88
CA LEU D 155 1.60 -35.31 8.74
C LEU D 155 1.16 -35.99 7.45
N GLN D 156 0.33 -35.29 6.67
CA GLN D 156 -0.17 -35.81 5.40
C GLN D 156 0.77 -35.34 4.29
N SER D 157 1.33 -36.29 3.56
CA SER D 157 2.29 -35.92 2.53
C SER D 157 1.89 -36.58 1.20
N GLY D 158 1.50 -35.77 0.23
CA GLY D 158 1.24 -36.25 -1.13
C GLY D 158 -0.22 -36.44 -1.51
N ASN D 159 -1.11 -36.26 -0.56
CA ASN D 159 -2.53 -36.48 -0.79
C ASN D 159 -3.35 -35.19 -0.72
N SER D 160 -2.66 -34.07 -0.91
CA SER D 160 -3.37 -32.79 -1.02
C SER D 160 -3.01 -32.09 -2.31
N GLN D 161 -3.89 -31.21 -2.77
CA GLN D 161 -3.59 -30.36 -3.90
C GLN D 161 -4.01 -28.95 -3.58
N GLU D 162 -3.25 -27.98 -4.09
CA GLU D 162 -3.61 -26.60 -3.84
C GLU D 162 -3.72 -25.79 -5.10
N SER D 163 -4.50 -24.73 -5.04
CA SER D 163 -4.46 -23.74 -6.09
C SER D 163 -4.65 -22.33 -5.55
N VAL D 164 -4.23 -21.38 -6.35
CA VAL D 164 -4.03 -20.01 -5.91
C VAL D 164 -4.67 -19.09 -6.94
N THR D 165 -5.41 -18.09 -6.46
CA THR D 165 -6.04 -17.14 -7.37
C THR D 165 -4.99 -16.15 -7.93
N GLU D 166 -5.38 -15.40 -8.95
CA GLU D 166 -4.61 -14.24 -9.42
C GLU D 166 -4.83 -13.11 -8.41
N GLN D 167 -4.04 -12.06 -8.49
CA GLN D 167 -4.20 -10.94 -7.57
C GLN D 167 -5.59 -10.36 -7.61
N ASP D 168 -6.15 -10.12 -6.44
CA ASP D 168 -7.51 -9.64 -6.28
C ASP D 168 -7.65 -8.27 -6.96
N SER D 169 -8.80 -8.04 -7.59
CA SER D 169 -9.05 -6.76 -8.29
C SER D 169 -9.03 -5.58 -7.35
N LYS D 170 -9.50 -5.79 -6.13
CA LYS D 170 -9.73 -4.69 -5.20
C LYS D 170 -8.61 -4.47 -4.18
N ASP D 171 -7.91 -5.52 -3.77
CA ASP D 171 -6.86 -5.35 -2.76
C ASP D 171 -5.51 -5.98 -3.11
N SER D 172 -5.38 -6.50 -4.34
CA SER D 172 -4.12 -7.10 -4.86
C SER D 172 -3.53 -8.26 -4.03
N THR D 173 -4.39 -8.94 -3.28
CA THR D 173 -3.98 -10.09 -2.48
C THR D 173 -4.21 -11.39 -3.23
N TYR D 174 -3.65 -12.47 -2.69
CA TYR D 174 -3.90 -13.81 -3.21
C TYR D 174 -4.79 -14.57 -2.24
N SER D 175 -5.44 -15.61 -2.73
CA SER D 175 -6.10 -16.59 -1.87
C SER D 175 -5.68 -17.98 -2.34
N LEU D 176 -5.71 -18.94 -1.43
CA LEU D 176 -5.24 -20.28 -1.72
C LEU D 176 -6.22 -21.27 -1.12
N SER D 177 -6.50 -22.32 -1.88
CA SER D 177 -7.30 -23.44 -1.39
C SER D 177 -6.44 -24.68 -1.40
N SER D 178 -6.38 -25.39 -0.28
CA SER D 178 -5.75 -26.72 -0.26
C SER D 178 -6.79 -27.78 0.06
N THR D 179 -6.81 -28.86 -0.72
CA THR D 179 -7.82 -29.91 -0.55
C THR D 179 -7.13 -31.23 -0.24
N LEU D 180 -7.50 -31.80 0.90
CA LEU D 180 -6.98 -33.09 1.33
C LEU D 180 -7.99 -34.15 0.96
N THR D 181 -7.53 -35.17 0.23
CA THR D 181 -8.42 -36.26 -0.19
C THR D 181 -8.23 -37.50 0.70
N LEU D 182 -9.33 -38.02 1.24
CA LEU D 182 -9.30 -39.27 2.01
C LEU D 182 -10.51 -40.15 1.65
N SER D 183 -10.40 -41.45 1.86
CA SER D 183 -11.58 -42.31 1.72
C SER D 183 -12.51 -42.05 2.92
N LYS D 184 -13.80 -42.37 2.79
CA LYS D 184 -14.72 -42.26 3.92
C LYS D 184 -14.24 -43.10 5.11
N ALA D 185 -13.90 -44.36 4.87
CA ALA D 185 -13.45 -45.25 5.95
C ALA D 185 -12.30 -44.62 6.72
N ASP D 186 -11.36 -44.02 6.01
CA ASP D 186 -10.19 -43.40 6.65
C ASP D 186 -10.57 -42.13 7.38
N TYR D 187 -11.41 -41.33 6.74
CA TYR D 187 -11.94 -40.15 7.39
C TYR D 187 -12.60 -40.51 8.73
N GLU D 188 -13.38 -41.59 8.75
CA GLU D 188 -14.10 -42.02 9.97
C GLU D 188 -13.20 -42.64 11.03
N LYS D 189 -12.03 -43.08 10.61
CA LYS D 189 -11.04 -43.68 11.52
C LYS D 189 -10.36 -42.64 12.43
N HIS D 190 -10.42 -41.37 12.05
CA HIS D 190 -9.67 -40.33 12.78
C HIS D 190 -10.53 -39.19 13.31
N LYS D 191 -10.01 -38.51 14.32
CA LYS D 191 -10.76 -37.46 15.01
C LYS D 191 -10.35 -36.05 14.59
N VAL D 192 -9.08 -35.70 14.78
CA VAL D 192 -8.64 -34.31 14.66
C VAL D 192 -8.10 -34.01 13.27
N TYR D 193 -8.73 -33.05 12.60
CA TYR D 193 -8.30 -32.62 11.26
C TYR D 193 -7.79 -31.19 11.32
N ALA D 194 -6.55 -30.97 10.88
CA ALA D 194 -5.89 -29.68 11.11
C ALA D 194 -5.11 -29.20 9.91
N CYS D 195 -5.22 -27.90 9.65
CA CYS D 195 -4.51 -27.23 8.57
C CYS D 195 -3.59 -26.22 9.27
N GLU D 196 -2.28 -26.33 9.07
CA GLU D 196 -1.33 -25.38 9.67
C GLU D 196 -0.68 -24.54 8.60
N VAL D 197 -0.78 -23.22 8.77
CA VAL D 197 -0.39 -22.26 7.74
C VAL D 197 0.79 -21.41 8.18
N THR D 198 1.83 -21.38 7.34
CA THR D 198 3.00 -20.54 7.52
C THR D 198 3.02 -19.47 6.44
N HIS D 199 3.20 -18.22 6.87
CA HIS D 199 3.24 -17.09 5.95
C HIS D 199 4.02 -15.95 6.60
N GLN D 200 4.67 -15.14 5.77
CA GLN D 200 5.46 -13.98 6.22
C GLN D 200 4.65 -13.06 7.14
N GLY D 201 3.37 -12.89 6.84
CA GLY D 201 2.50 -12.02 7.64
C GLY D 201 2.10 -12.53 9.01
N LEU D 202 2.43 -13.78 9.32
CA LEU D 202 2.07 -14.38 10.61
C LEU D 202 3.33 -14.55 11.45
N SER D 203 3.34 -14.01 12.66
CA SER D 203 4.54 -14.13 13.52
C SER D 203 4.84 -15.60 13.86
N SER D 204 3.80 -16.41 14.01
CA SER D 204 3.95 -17.86 14.14
C SER D 204 2.87 -18.56 13.31
N PRO D 205 3.08 -19.85 12.99
CA PRO D 205 2.07 -20.60 12.21
C PRO D 205 0.66 -20.56 12.84
N VAL D 206 -0.36 -20.44 12.02
CA VAL D 206 -1.74 -20.51 12.48
C VAL D 206 -2.27 -21.91 12.17
N THR D 207 -2.99 -22.52 13.11
CA THR D 207 -3.63 -23.82 12.86
C THR D 207 -5.14 -23.69 12.99
N LYS D 208 -5.88 -24.16 11.98
CA LYS D 208 -7.33 -24.32 12.14
C LYS D 208 -7.65 -25.77 12.13
N SER D 209 -8.58 -26.19 12.99
CA SER D 209 -8.87 -27.59 13.11
C SER D 209 -10.34 -27.85 13.39
N PHE D 210 -10.74 -29.09 13.20
CA PHE D 210 -12.05 -29.54 13.70
C PHE D 210 -11.93 -30.98 14.16
N ASN D 211 -12.85 -31.38 15.04
CA ASN D 211 -13.00 -32.78 15.39
C ASN D 211 -14.16 -33.35 14.58
N ARG D 212 -13.91 -34.46 13.89
CA ARG D 212 -14.94 -35.10 13.10
C ARG D 212 -16.13 -35.37 14.01
N GLY D 213 -17.31 -34.97 13.55
CA GLY D 213 -18.54 -35.25 14.28
C GLY D 213 -19.06 -34.06 15.07
N GLU D 214 -18.16 -33.34 15.72
CA GLU D 214 -18.52 -32.19 16.57
C GLU D 214 -18.81 -30.94 15.76
N ASP E 1 10.98 31.70 -11.66
CA ASP E 1 10.02 30.91 -10.82
C ASP E 1 9.90 29.46 -11.27
N ALA E 2 10.54 29.14 -12.40
CA ALA E 2 10.17 27.96 -13.18
C ALA E 2 11.09 26.74 -13.05
N GLU E 3 12.36 26.95 -12.71
CA GLU E 3 13.35 25.86 -12.73
C GLU E 3 14.26 25.89 -11.49
N PHE E 4 14.77 24.74 -11.09
CA PHE E 4 15.76 24.66 -10.01
C PHE E 4 17.19 24.57 -10.55
N ARG E 5 18.11 25.25 -9.86
CA ARG E 5 19.51 25.23 -10.20
C ARG E 5 20.09 23.87 -9.84
N HIS E 6 20.80 23.24 -10.78
CA HIS E 6 21.36 21.92 -10.52
C HIS E 6 22.50 21.60 -11.48
N ASP E 7 23.40 20.73 -11.04
CA ASP E 7 24.41 20.12 -11.89
C ASP E 7 23.74 19.11 -12.80
N SER E 8 24.21 18.99 -14.04
CA SER E 8 23.70 17.99 -15.00
C SER E 8 23.73 16.60 -14.41
N GLY E 9 22.64 15.85 -14.64
CA GLY E 9 22.55 14.46 -14.17
C GLY E 9 21.96 14.25 -12.78
N TYR E 10 21.74 15.34 -12.04
CA TYR E 10 21.25 15.18 -10.68
C TYR E 10 19.89 14.45 -10.67
N GLU E 11 19.80 13.40 -9.84
CA GLU E 11 18.58 12.62 -9.72
C GLU E 11 17.72 13.02 -8.50
N ASP F 1 -1.63 -7.58 -45.33
CA ASP F 1 -0.53 -8.06 -46.21
C ASP F 1 -0.62 -9.58 -46.38
N ALA F 2 0.01 -10.06 -47.45
CA ALA F 2 -0.34 -11.34 -48.03
C ALA F 2 0.62 -12.50 -47.75
N GLU F 3 1.88 -12.19 -47.43
CA GLU F 3 2.92 -13.22 -47.36
C GLU F 3 3.84 -13.09 -46.14
N PHE F 4 4.39 -14.22 -45.70
CA PHE F 4 5.34 -14.26 -44.60
C PHE F 4 6.76 -14.32 -45.12
N ARG F 5 7.64 -13.59 -44.47
CA ARG F 5 9.06 -13.60 -44.79
C ARG F 5 9.67 -14.92 -44.35
N HIS F 6 10.42 -15.55 -45.26
CA HIS F 6 10.93 -16.90 -44.99
C HIS F 6 12.07 -17.24 -45.93
N ASP F 7 12.95 -18.11 -45.46
CA ASP F 7 13.96 -18.74 -46.30
C ASP F 7 13.30 -19.74 -47.22
N SER F 8 13.84 -19.85 -48.42
CA SER F 8 13.34 -20.77 -49.44
C SER F 8 13.28 -22.19 -48.87
N GLY F 9 12.14 -22.84 -49.07
CA GLY F 9 11.95 -24.23 -48.65
C GLY F 9 11.70 -24.45 -47.16
N TYR F 10 11.29 -23.42 -46.44
CA TYR F 10 11.11 -23.53 -44.99
C TYR F 10 10.14 -24.67 -44.61
#